data_5H6U
#
_entry.id   5H6U
#
_cell.length_a   46.107
_cell.length_b   59.179
_cell.length_c   82.724
_cell.angle_alpha   84.62
_cell.angle_beta   90.16
_cell.angle_gamma   87.99
#
_symmetry.space_group_name_H-M   'P 1'
#
loop_
_entity.id
_entity.type
_entity.pdbx_description
1 polymer AlgQ2
2 branched 'beta-D-mannopyranuronic acid-(1-4)-beta-D-mannopyranuronic acid-(1-4)-beta-D-mannopyranuronic acid-(1-4)-beta-D-mannopyranuronic acid-(1-4)-beta-D-mannopyranuronic acid'
3 non-polymer 'CALCIUM ION'
4 water water
#
_entity_poly.entity_id   1
_entity_poly.type   'polypeptide(L)'
_entity_poly.pdbx_seq_one_letter_code
;KEATWVTDKPLTLKIHMHFRDKWVWDENWPVAKESFRLTNVKLQSVANKAATNSQEQFNLMMASGDLPDVVGGDNLKDKF
IQYGQEGAFVPLNKLIDQYAPHIKAFFKSHPEVERAIKAPDGNIYFIPYVPDGVVARGYFIREDWLKKLNLKPPQNIDEL
YTVLKAFKEKDPNGNGKADEVPFIDRHPDEVFRLVNFWGARSSGSDNYMDFYIDNGRVKHPWAETAFRDGMKHVAQWYKE
GLIDKEIFTRKAKAREQMFGGNLGGFTHDWFASTMTFNEGLAKTVPGFKLIPIAPPTNSKGQRWEEDSRQKVRPDGWAIT
VKNKNPVETIKFFDFYFSRPGRDISNFGVPGVTYDIKNGKAVFKDSVLKSPQPVNNQLYDMGAQIPIGFWQDYDYERQWT
TPEAQAGIDMYVKGKYVMPGFEGVNMTREERAIYDKYWADVRTYMYEMGQAWVMGTKDVDKTWDEYQRQLKLRGLYQVLQ
MMQQAYDRQYKN
;
_entity_poly.pdbx_strand_id   A,B
#
loop_
_chem_comp.id
_chem_comp.type
_chem_comp.name
_chem_comp.formula
BEM D-saccharide, beta linking 'beta-D-mannopyranuronic acid' 'C6 H10 O7'
CA non-polymer 'CALCIUM ION' 'Ca 2'
#
# COMPACT_ATOMS: atom_id res chain seq x y z
N THR A 4 -19.52 -37.35 -22.23
CA THR A 4 -18.66 -36.16 -22.08
C THR A 4 -17.42 -36.33 -21.17
N TRP A 5 -17.08 -37.55 -20.81
CA TRP A 5 -15.92 -37.76 -19.96
C TRP A 5 -14.62 -37.45 -20.70
N VAL A 6 -13.65 -36.90 -19.99
CA VAL A 6 -12.37 -36.60 -20.60
C VAL A 6 -11.23 -37.50 -20.09
N THR A 7 -11.33 -38.01 -18.86
CA THR A 7 -10.28 -38.82 -18.28
C THR A 7 -10.87 -40.15 -17.81
N ASP A 8 -10.07 -41.21 -17.89
CA ASP A 8 -10.56 -42.52 -17.51
C ASP A 8 -10.60 -42.67 -15.99
N LYS A 9 -9.63 -42.07 -15.30
CA LYS A 9 -9.60 -42.05 -13.85
C LYS A 9 -9.97 -40.65 -13.34
N PRO A 10 -10.76 -40.55 -12.28
CA PRO A 10 -11.15 -39.24 -11.76
C PRO A 10 -9.94 -38.38 -11.45
N LEU A 11 -9.97 -37.13 -11.91
CA LEU A 11 -8.83 -36.23 -11.80
C LEU A 11 -9.21 -35.05 -10.90
N THR A 12 -8.43 -34.87 -9.85
CA THR A 12 -8.66 -33.84 -8.86
C THR A 12 -7.65 -32.72 -9.10
N LEU A 13 -8.14 -31.52 -9.38
CA LEU A 13 -7.29 -30.38 -9.67
C LEU A 13 -7.51 -29.26 -8.66
N LYS A 14 -6.41 -28.58 -8.32
CA LYS A 14 -6.44 -27.45 -7.37
C LYS A 14 -6.78 -26.16 -8.12
N ILE A 15 -7.86 -25.49 -7.74
CA ILE A 15 -8.21 -24.21 -8.36
C ILE A 15 -8.13 -23.10 -7.33
N HIS A 16 -7.46 -22.00 -7.71
CA HIS A 16 -7.61 -20.74 -7.01
C HIS A 16 -8.50 -19.84 -7.87
N MET A 17 -9.73 -19.63 -7.43
CA MET A 17 -10.69 -18.82 -8.18
C MET A 17 -11.47 -18.02 -7.15
N HIS A 18 -11.06 -16.77 -6.96
CA HIS A 18 -11.74 -15.80 -6.12
C HIS A 18 -12.26 -14.71 -7.04
N PHE A 19 -13.58 -14.42 -6.97
CA PHE A 19 -14.18 -13.52 -7.96
C PHE A 19 -15.30 -12.65 -7.39
N ARG A 20 -15.37 -11.42 -7.90
CA ARG A 20 -16.39 -10.44 -7.51
C ARG A 20 -16.37 -10.13 -6.02
N ASP A 21 -15.20 -10.21 -5.40
CA ASP A 21 -14.97 -9.86 -4.00
C ASP A 21 -15.84 -10.64 -3.03
N LYS A 22 -16.47 -11.73 -3.44
CA LYS A 22 -17.47 -12.37 -2.60
C LYS A 22 -17.49 -13.89 -2.69
N TRP A 23 -16.86 -14.51 -3.68
CA TRP A 23 -17.10 -15.92 -3.93
C TRP A 23 -15.82 -16.65 -4.29
N VAL A 24 -15.85 -17.96 -4.06
CA VAL A 24 -14.82 -18.89 -4.48
C VAL A 24 -15.49 -20.10 -5.13
N TRP A 25 -14.69 -20.90 -5.83
CA TRP A 25 -15.16 -22.17 -6.38
C TRP A 25 -15.57 -23.11 -5.24
N ASP A 26 -16.65 -23.87 -5.45
CA ASP A 26 -17.09 -24.88 -4.49
C ASP A 26 -17.10 -26.24 -5.16
N GLU A 27 -16.47 -27.21 -4.49
CA GLU A 27 -16.44 -28.55 -5.04
C GLU A 27 -17.82 -29.18 -5.08
N ASN A 28 -18.70 -28.79 -4.16
CA ASN A 28 -20.02 -29.40 -4.02
C ASN A 28 -21.13 -28.47 -4.46
N TRP A 29 -20.80 -27.45 -5.23
CA TRP A 29 -21.82 -26.76 -6.00
C TRP A 29 -22.57 -27.81 -6.80
N PRO A 30 -23.89 -27.74 -6.87
CA PRO A 30 -24.63 -28.67 -7.73
C PRO A 30 -24.12 -28.67 -9.15
N VAL A 31 -23.71 -27.52 -9.70
CA VAL A 31 -23.15 -27.49 -11.04
C VAL A 31 -21.75 -28.11 -11.05
N ALA A 32 -20.93 -27.78 -10.06
CA ALA A 32 -19.61 -28.40 -9.97
C ALA A 32 -19.72 -29.90 -9.72
N LYS A 33 -20.65 -30.31 -8.86
CA LYS A 33 -20.91 -31.73 -8.68
C LYS A 33 -21.36 -32.37 -9.99
N GLU A 34 -22.11 -31.61 -10.80
CA GLU A 34 -22.53 -32.07 -12.11
C GLU A 34 -21.42 -31.94 -13.13
N SER A 35 -20.61 -30.89 -13.00
CA SER A 35 -19.40 -30.80 -13.81
C SER A 35 -18.53 -32.04 -13.62
N PHE A 36 -18.20 -32.37 -12.36
CA PHE A 36 -17.38 -33.54 -12.12
C PHE A 36 -18.03 -34.77 -12.70
N ARG A 37 -19.35 -34.84 -12.60
CA ARG A 37 -20.05 -36.02 -13.05
C ARG A 37 -19.99 -36.16 -14.56
N LEU A 38 -20.06 -35.04 -15.29
CA LEU A 38 -20.03 -35.14 -16.75
C LEU A 38 -18.61 -35.29 -17.28
N THR A 39 -17.64 -34.69 -16.62
CA THR A 39 -16.29 -34.65 -17.17
C THR A 39 -15.32 -35.60 -16.48
N ASN A 40 -15.66 -36.09 -15.29
CA ASN A 40 -14.77 -36.91 -14.44
C ASN A 40 -13.57 -36.10 -13.95
N VAL A 41 -13.72 -34.78 -13.90
CA VAL A 41 -12.70 -33.86 -13.40
C VAL A 41 -13.29 -33.09 -12.23
N LYS A 42 -12.65 -33.23 -11.07
CA LYS A 42 -13.04 -32.54 -9.86
C LYS A 42 -12.10 -31.37 -9.58
N LEU A 43 -12.67 -30.23 -9.19
CA LEU A 43 -11.91 -29.05 -8.83
C LEU A 43 -12.08 -28.78 -7.35
N GLN A 44 -10.96 -28.50 -6.67
CA GLN A 44 -10.98 -28.24 -5.24
C GLN A 44 -10.37 -26.88 -4.96
N SER A 45 -11.10 -26.06 -4.21
CA SER A 45 -10.72 -24.67 -3.97
C SER A 45 -9.64 -24.56 -2.91
N VAL A 46 -8.56 -23.84 -3.24
CA VAL A 46 -7.54 -23.44 -2.28
C VAL A 46 -7.59 -21.97 -1.97
N ALA A 47 -8.56 -21.24 -2.52
CA ALA A 47 -8.67 -19.82 -2.24
C ALA A 47 -9.23 -19.61 -0.83
N ASN A 48 -9.08 -18.39 -0.33
CA ASN A 48 -9.54 -18.04 1.01
C ASN A 48 -11.03 -17.65 0.95
N LYS A 49 -11.88 -18.51 1.52
CA LYS A 49 -13.30 -18.24 1.77
C LYS A 49 -13.59 -16.81 2.23
N ALA A 50 -13.01 -16.42 3.37
CA ALA A 50 -13.41 -15.20 4.04
C ALA A 50 -12.88 -13.92 3.40
N ALA A 51 -11.93 -14.02 2.46
CA ALA A 51 -11.31 -12.82 1.91
C ALA A 51 -12.34 -12.03 1.11
N THR A 52 -12.13 -10.71 1.08
CA THR A 52 -13.08 -9.81 0.45
C THR A 52 -12.49 -9.01 -0.70
N ASN A 53 -11.32 -9.36 -1.21
CA ASN A 53 -10.86 -8.66 -2.41
C ASN A 53 -10.21 -9.67 -3.35
N SER A 54 -10.86 -9.88 -4.50
CA SER A 54 -10.44 -10.96 -5.39
C SER A 54 -9.09 -10.66 -6.02
N GLN A 55 -8.81 -9.39 -6.34
CA GLN A 55 -7.53 -9.03 -6.92
C GLN A 55 -6.39 -9.20 -5.92
N GLU A 56 -6.63 -8.84 -4.64
CA GLU A 56 -5.61 -9.06 -3.62
C GLU A 56 -5.29 -10.54 -3.50
N GLN A 57 -6.33 -11.37 -3.52
CA GLN A 57 -6.13 -12.80 -3.35
C GLN A 57 -5.29 -13.39 -4.48
N PHE A 58 -5.52 -12.95 -5.72
CA PHE A 58 -4.67 -13.41 -6.82
C PHE A 58 -3.24 -12.97 -6.59
N ASN A 59 -3.06 -11.70 -6.26
CA ASN A 59 -1.73 -11.16 -6.04
C ASN A 59 -1.02 -11.93 -4.93
N LEU A 60 -1.66 -12.03 -3.76
CA LEU A 60 -1.08 -12.75 -2.63
C LEU A 60 -0.69 -14.18 -3.05
N MET A 61 -1.57 -14.84 -3.80
CA MET A 61 -1.29 -16.17 -4.32
C MET A 61 -0.04 -16.16 -5.20
N MET A 62 0.10 -15.18 -6.08
CA MET A 62 1.30 -15.07 -6.89
C MET A 62 2.52 -14.82 -6.01
N ALA A 63 2.34 -14.05 -4.95
CA ALA A 63 3.45 -13.66 -4.10
C ALA A 63 3.96 -14.83 -3.26
N SER A 64 3.10 -15.81 -3.00
CA SER A 64 3.48 -16.96 -2.18
C SER A 64 4.33 -17.98 -2.91
N GLY A 65 4.44 -17.86 -4.22
CA GLY A 65 5.14 -18.84 -5.02
C GLY A 65 4.47 -20.19 -5.12
N ASP A 66 3.37 -20.38 -4.41
CA ASP A 66 2.68 -21.67 -4.34
C ASP A 66 1.46 -21.62 -5.28
N LEU A 67 1.62 -22.14 -6.51
CA LEU A 67 0.50 -22.03 -7.43
C LEU A 67 -0.34 -23.29 -7.42
N PRO A 68 -1.61 -23.17 -7.79
CA PRO A 68 -2.46 -24.36 -7.98
C PRO A 68 -2.36 -24.96 -9.37
N ASP A 69 -3.39 -25.71 -9.82
CA ASP A 69 -3.43 -26.21 -11.19
C ASP A 69 -4.16 -25.27 -12.14
N VAL A 70 -5.20 -24.61 -11.62
CA VAL A 70 -6.06 -23.72 -12.38
C VAL A 70 -6.20 -22.45 -11.57
N VAL A 71 -6.09 -21.31 -12.24
CA VAL A 71 -6.43 -20.04 -11.65
C VAL A 71 -7.58 -19.45 -12.46
N GLY A 72 -8.61 -18.95 -11.77
CA GLY A 72 -9.75 -18.35 -12.45
C GLY A 72 -10.27 -17.13 -11.73
N GLY A 73 -11.05 -16.33 -12.45
CA GLY A 73 -11.72 -15.21 -11.85
C GLY A 73 -12.06 -14.12 -12.85
N ASP A 74 -12.64 -13.05 -12.30
CA ASP A 74 -13.02 -11.84 -13.02
C ASP A 74 -11.86 -10.86 -13.02
N ASN A 75 -11.76 -10.06 -14.09
CA ASN A 75 -10.75 -8.99 -14.18
C ASN A 75 -9.30 -9.55 -14.03
N LEU A 76 -9.02 -10.70 -14.61
CA LEU A 76 -7.66 -11.28 -14.60
C LEU A 76 -6.95 -11.34 -15.96
N LYS A 77 -7.55 -10.80 -17.01
CA LYS A 77 -6.94 -10.85 -18.35
C LYS A 77 -5.54 -10.27 -18.36
N ASP A 78 -5.36 -9.08 -17.79
CA ASP A 78 -4.06 -8.41 -17.79
C ASP A 78 -3.01 -9.24 -17.03
N LYS A 79 -3.42 -9.89 -15.96
CA LYS A 79 -2.50 -10.68 -15.18
C LYS A 79 -2.24 -12.05 -15.79
N PHE A 80 -3.26 -12.67 -16.40
CA PHE A 80 -3.01 -13.85 -17.21
C PHE A 80 -1.98 -13.58 -18.30
N ILE A 81 -2.10 -12.44 -18.97
CA ILE A 81 -1.16 -12.11 -20.04
C ILE A 81 0.22 -11.84 -19.46
N GLN A 82 0.29 -11.02 -18.42
CA GLN A 82 1.59 -10.59 -17.90
C GLN A 82 2.33 -11.74 -17.25
N TYR A 83 1.67 -12.48 -16.38
CA TYR A 83 2.34 -13.60 -15.75
C TYR A 83 2.42 -14.81 -16.67
N GLY A 84 1.57 -14.89 -17.69
CA GLY A 84 1.75 -15.92 -18.71
C GLY A 84 3.07 -15.76 -19.44
N GLN A 85 3.33 -14.56 -19.95
CA GLN A 85 4.63 -14.24 -20.51
C GLN A 85 5.78 -14.50 -19.52
N GLU A 86 5.53 -14.37 -18.23
CA GLU A 86 6.62 -14.63 -17.30
C GLU A 86 6.78 -16.11 -16.99
N GLY A 87 5.82 -16.93 -17.41
CA GLY A 87 5.94 -18.36 -17.28
C GLY A 87 5.14 -19.00 -16.16
N ALA A 88 4.25 -18.25 -15.52
CA ALA A 88 3.40 -18.81 -14.47
C ALA A 88 2.23 -19.56 -15.06
N PHE A 89 1.72 -19.13 -16.22
CA PHE A 89 0.68 -19.83 -16.95
C PHE A 89 1.17 -20.28 -18.31
N VAL A 90 0.63 -21.42 -18.75
CA VAL A 90 1.18 -22.02 -19.97
C VAL A 90 0.41 -21.48 -21.18
N PRO A 91 1.08 -21.40 -22.31
CA PRO A 91 0.39 -21.00 -23.51
C PRO A 91 -0.54 -22.13 -23.91
N LEU A 92 -1.76 -21.79 -24.43
CA LEU A 92 -2.74 -22.80 -24.73
C LEU A 92 -2.90 -23.09 -26.23
N ASN A 93 -2.06 -22.51 -27.08
CA ASN A 93 -2.29 -22.56 -28.53
C ASN A 93 -2.23 -23.99 -29.06
N LYS A 94 -1.17 -24.71 -28.75
CA LYS A 94 -1.04 -26.07 -29.29
C LYS A 94 -2.03 -27.01 -28.64
N LEU A 95 -2.29 -26.83 -27.34
CA LEU A 95 -3.27 -27.68 -26.67
C LEU A 95 -4.66 -27.48 -27.26
N ILE A 96 -5.05 -26.23 -27.48
CA ILE A 96 -6.37 -25.96 -28.06
C ILE A 96 -6.48 -26.61 -29.41
N ASP A 97 -5.47 -26.40 -30.27
CA ASP A 97 -5.53 -26.90 -31.65
C ASP A 97 -5.63 -28.41 -31.68
N GLN A 98 -4.99 -29.09 -30.73
CA GLN A 98 -4.90 -30.54 -30.74
C GLN A 98 -5.94 -31.22 -29.86
N TYR A 99 -6.33 -30.63 -28.72
CA TYR A 99 -7.28 -31.28 -27.81
C TYR A 99 -8.60 -30.53 -27.58
N ALA A 100 -8.77 -29.30 -28.07
CA ALA A 100 -9.93 -28.47 -27.71
C ALA A 100 -10.71 -28.07 -28.95
N PRO A 101 -11.46 -29.00 -29.54
CA PRO A 101 -12.13 -28.69 -30.82
C PRO A 101 -13.22 -27.64 -30.71
N HIS A 102 -14.05 -27.70 -29.65
CA HIS A 102 -15.12 -26.72 -29.53
C HIS A 102 -14.57 -25.31 -29.39
N ILE A 103 -13.49 -25.16 -28.63
CA ILE A 103 -12.85 -23.86 -28.49
C ILE A 103 -12.24 -23.45 -29.81
N LYS A 104 -11.59 -24.40 -30.49
CA LYS A 104 -11.00 -24.15 -31.79
C LYS A 104 -12.06 -23.74 -32.81
N ALA A 105 -13.27 -24.32 -32.72
CA ALA A 105 -14.34 -23.89 -33.60
C ALA A 105 -14.92 -22.56 -33.16
N PHE A 106 -14.84 -22.26 -31.87
CA PHE A 106 -15.35 -20.98 -31.42
C PHE A 106 -14.46 -19.84 -31.91
N PHE A 107 -13.14 -19.98 -31.72
CA PHE A 107 -12.21 -18.99 -32.26
C PHE A 107 -12.30 -18.92 -33.78
N LYS A 108 -12.72 -20.03 -34.40
CA LYS A 108 -12.86 -20.07 -35.84
C LYS A 108 -13.92 -19.06 -36.30
N SER A 109 -15.08 -19.07 -35.67
CA SER A 109 -16.16 -18.18 -36.03
C SER A 109 -16.16 -16.89 -35.22
N HIS A 110 -15.17 -16.70 -34.35
CA HIS A 110 -15.04 -15.47 -33.56
C HIS A 110 -13.62 -14.96 -33.56
N PRO A 111 -13.08 -14.61 -34.75
CA PRO A 111 -11.64 -14.27 -34.81
C PRO A 111 -11.26 -13.05 -33.98
N GLU A 112 -12.17 -12.11 -33.77
CA GLU A 112 -11.86 -10.92 -32.98
C GLU A 112 -11.82 -11.23 -31.48
N VAL A 113 -12.46 -12.30 -31.04
CA VAL A 113 -12.34 -12.69 -29.65
C VAL A 113 -10.95 -13.25 -29.39
N GLU A 114 -10.53 -14.17 -30.24
CA GLU A 114 -9.22 -14.77 -30.08
C GLU A 114 -8.11 -13.71 -30.14
N ARG A 115 -8.28 -12.70 -31.00
CA ARG A 115 -7.29 -11.63 -31.09
C ARG A 115 -7.26 -10.79 -29.82
N ALA A 116 -8.45 -10.54 -29.26
CA ALA A 116 -8.57 -9.66 -28.11
C ALA A 116 -7.89 -10.23 -26.88
N ILE A 117 -7.89 -11.56 -26.72
CA ILE A 117 -7.38 -12.14 -25.49
C ILE A 117 -5.92 -12.57 -25.59
N LYS A 118 -5.29 -12.40 -26.76
CA LYS A 118 -3.92 -12.88 -26.96
C LYS A 118 -2.92 -11.92 -26.34
N ALA A 119 -1.72 -12.46 -26.01
CA ALA A 119 -0.60 -11.72 -25.43
C ALA A 119 0.30 -11.18 -26.54
N PRO A 120 1.16 -10.20 -26.23
CA PRO A 120 2.12 -9.70 -27.24
C PRO A 120 2.95 -10.79 -27.92
N ASP A 121 3.23 -11.90 -27.24
CA ASP A 121 3.98 -12.99 -27.83
C ASP A 121 3.10 -13.90 -28.68
N GLY A 122 1.82 -13.55 -28.87
CA GLY A 122 0.90 -14.30 -29.69
C GLY A 122 0.26 -15.50 -29.02
N ASN A 123 0.53 -15.71 -27.73
CA ASN A 123 0.01 -16.88 -27.04
C ASN A 123 -1.31 -16.62 -26.34
N ILE A 124 -2.16 -17.65 -26.33
CA ILE A 124 -3.39 -17.66 -25.55
C ILE A 124 -3.07 -18.21 -24.18
N TYR A 125 -3.29 -17.41 -23.13
CA TYR A 125 -2.93 -17.82 -21.77
C TYR A 125 -4.13 -18.08 -20.86
N PHE A 126 -5.37 -17.86 -21.32
CA PHE A 126 -6.55 -18.25 -20.56
C PHE A 126 -7.70 -18.51 -21.54
N ILE A 127 -8.75 -19.14 -21.03
CA ILE A 127 -9.99 -19.31 -21.79
C ILE A 127 -11.01 -18.33 -21.21
N PRO A 128 -11.60 -17.45 -22.01
CA PRO A 128 -12.35 -16.34 -21.46
C PRO A 128 -13.81 -16.68 -21.25
N TYR A 129 -14.45 -15.82 -20.45
CA TYR A 129 -15.89 -15.79 -20.32
C TYR A 129 -16.45 -15.01 -21.52
N VAL A 130 -17.24 -15.68 -22.36
CA VAL A 130 -17.83 -15.06 -23.55
C VAL A 130 -19.29 -14.70 -23.27
N PRO A 131 -19.63 -13.44 -23.09
CA PRO A 131 -21.03 -13.07 -22.85
C PRO A 131 -21.87 -13.20 -24.10
N ASP A 132 -23.18 -13.27 -23.89
CA ASP A 132 -24.13 -13.39 -24.98
C ASP A 132 -25.25 -12.38 -24.73
N GLY A 133 -25.45 -11.50 -25.69
CA GLY A 133 -26.38 -10.40 -25.53
C GLY A 133 -25.87 -9.21 -26.31
N VAL A 134 -26.63 -8.12 -26.23
CA VAL A 134 -26.34 -6.91 -27.00
C VAL A 134 -26.27 -5.73 -26.04
N VAL A 135 -27.37 -5.43 -25.37
CA VAL A 135 -27.37 -4.35 -24.41
C VAL A 135 -27.00 -4.89 -23.04
N ALA A 136 -26.59 -3.99 -22.15
CA ALA A 136 -26.30 -4.32 -20.78
C ALA A 136 -27.21 -3.50 -19.87
N ARG A 137 -26.74 -2.36 -19.36
CA ARG A 137 -27.51 -1.57 -18.41
C ARG A 137 -28.39 -0.55 -19.12
N GLY A 138 -29.39 -0.07 -18.39
CA GLY A 138 -30.27 1.02 -18.79
C GLY A 138 -30.72 1.74 -17.53
N TYR A 139 -31.49 2.81 -17.72
CA TYR A 139 -32.00 3.59 -16.62
C TYR A 139 -33.41 3.11 -16.23
N PHE A 140 -33.67 3.10 -14.92
CA PHE A 140 -34.94 2.65 -14.39
C PHE A 140 -35.41 3.61 -13.31
N ILE A 141 -36.71 3.94 -13.35
CA ILE A 141 -37.29 4.89 -12.41
C ILE A 141 -38.58 4.35 -11.81
N ARG A 142 -38.89 4.81 -10.61
CA ARG A 142 -40.10 4.42 -9.89
C ARG A 142 -41.28 5.15 -10.52
N GLU A 143 -41.97 4.49 -11.45
CA GLU A 143 -43.18 5.12 -12.01
C GLU A 143 -44.30 5.29 -10.97
N ASP A 144 -44.43 4.37 -10.01
CA ASP A 144 -45.45 4.55 -8.96
C ASP A 144 -45.16 5.79 -8.12
N TRP A 145 -43.89 6.14 -7.91
CA TRP A 145 -43.65 7.41 -7.25
C TRP A 145 -43.98 8.58 -8.18
N LEU A 146 -43.65 8.44 -9.47
CA LEU A 146 -43.98 9.50 -10.41
C LEU A 146 -45.47 9.78 -10.38
N LYS A 147 -46.27 8.72 -10.31
CA LYS A 147 -47.72 8.85 -10.33
C LYS A 147 -48.20 9.56 -9.06
N LYS A 148 -47.80 9.05 -7.89
CA LYS A 148 -48.19 9.61 -6.61
C LYS A 148 -47.87 11.09 -6.51
N LEU A 149 -46.75 11.51 -7.10
CA LEU A 149 -46.33 12.90 -7.01
C LEU A 149 -46.82 13.72 -8.19
N ASN A 150 -47.52 13.09 -9.13
CA ASN A 150 -48.05 13.76 -10.29
C ASN A 150 -46.92 14.25 -11.21
N LEU A 151 -45.90 13.42 -11.39
CA LEU A 151 -44.79 13.76 -12.26
C LEU A 151 -44.77 12.84 -13.47
N LYS A 152 -44.20 13.33 -14.56
CA LYS A 152 -43.97 12.50 -15.73
C LYS A 152 -42.51 12.13 -15.85
N PRO A 153 -42.17 11.09 -16.60
CA PRO A 153 -40.76 10.65 -16.64
C PRO A 153 -39.87 11.76 -17.14
N PRO A 154 -38.69 11.93 -16.55
CA PRO A 154 -37.78 13.01 -16.98
C PRO A 154 -37.21 12.76 -18.37
N GLN A 155 -37.22 13.83 -19.18
CA GLN A 155 -36.78 13.74 -20.56
C GLN A 155 -35.37 14.27 -20.78
N ASN A 156 -34.84 15.02 -19.83
CA ASN A 156 -33.50 15.56 -19.93
C ASN A 156 -32.93 15.63 -18.52
N ILE A 157 -31.65 16.00 -18.42
CA ILE A 157 -30.99 16.13 -17.13
C ILE A 157 -31.71 17.17 -16.26
N ASP A 158 -32.24 18.23 -16.89
CA ASP A 158 -32.96 19.25 -16.13
C ASP A 158 -34.16 18.64 -15.42
N GLU A 159 -34.94 17.84 -16.15
CA GLU A 159 -36.11 17.20 -15.55
C GLU A 159 -35.71 16.05 -14.64
N LEU A 160 -34.61 15.35 -14.96
CA LEU A 160 -34.10 14.33 -14.04
C LEU A 160 -33.81 14.95 -12.68
N TYR A 161 -33.11 16.08 -12.68
CA TYR A 161 -32.81 16.74 -11.41
C TYR A 161 -34.09 17.08 -10.67
N THR A 162 -35.06 17.67 -11.37
CA THR A 162 -36.32 18.05 -10.73
C THR A 162 -37.02 16.83 -10.16
N VAL A 163 -37.03 15.73 -10.91
CA VAL A 163 -37.74 14.56 -10.44
C VAL A 163 -37.04 13.96 -9.22
N LEU A 164 -35.70 13.86 -9.27
CA LEU A 164 -34.99 13.28 -8.15
C LEU A 164 -35.12 14.15 -6.92
N LYS A 165 -35.17 15.47 -7.11
CA LYS A 165 -35.40 16.39 -5.99
C LYS A 165 -36.73 16.12 -5.33
N ALA A 166 -37.76 15.83 -6.15
CA ALA A 166 -39.09 15.56 -5.64
C ALA A 166 -39.12 14.26 -4.86
N PHE A 167 -38.48 13.21 -5.38
CA PHE A 167 -38.41 11.97 -4.61
C PHE A 167 -37.86 12.25 -3.23
N LYS A 168 -36.82 13.09 -3.18
CA LYS A 168 -36.15 13.40 -1.93
C LYS A 168 -37.06 14.16 -0.99
N GLU A 169 -37.70 15.22 -1.49
CA GLU A 169 -38.32 16.24 -0.64
C GLU A 169 -39.80 16.05 -0.39
N LYS A 170 -40.49 15.26 -1.19
CA LYS A 170 -41.95 15.22 -1.08
C LYS A 170 -42.49 13.83 -0.77
N ASP A 171 -41.76 13.06 0.04
CA ASP A 171 -42.28 11.87 0.71
C ASP A 171 -43.13 10.92 -0.15
N PRO A 172 -42.61 10.48 -1.30
CA PRO A 172 -43.43 9.58 -2.14
C PRO A 172 -43.79 8.26 -1.50
N ASN A 173 -43.03 7.76 -0.51
CA ASN A 173 -43.49 6.55 0.12
C ASN A 173 -44.56 6.80 1.19
N GLY A 174 -44.86 8.06 1.48
CA GLY A 174 -45.94 8.43 2.39
C GLY A 174 -45.80 7.82 3.75
N ASN A 175 -44.75 8.19 4.47
CA ASN A 175 -44.58 7.82 5.86
C ASN A 175 -44.15 9.04 6.66
N GLY A 176 -44.33 10.23 6.10
CA GLY A 176 -43.97 11.46 6.76
C GLY A 176 -42.50 11.72 6.91
N LYS A 177 -41.64 10.75 6.60
CA LYS A 177 -40.20 10.87 6.83
C LYS A 177 -39.45 11.15 5.53
N ALA A 178 -38.37 11.93 5.64
CA ALA A 178 -37.50 12.17 4.51
C ALA A 178 -36.45 11.06 4.49
N ASP A 179 -36.95 9.87 4.19
CA ASP A 179 -36.09 8.70 4.11
C ASP A 179 -35.77 8.32 2.68
N GLU A 180 -36.39 8.97 1.68
CA GLU A 180 -36.21 8.58 0.29
C GLU A 180 -34.78 8.85 -0.17
N VAL A 181 -34.24 7.93 -0.92
CA VAL A 181 -32.90 8.03 -1.48
C VAL A 181 -33.01 7.95 -3.00
N PRO A 182 -33.02 9.10 -3.69
CA PRO A 182 -33.35 9.13 -5.11
C PRO A 182 -32.59 8.15 -5.98
N PHE A 183 -31.25 8.21 -5.98
CA PHE A 183 -30.43 7.35 -6.82
C PHE A 183 -29.69 6.33 -5.97
N ILE A 184 -29.86 5.04 -6.30
CA ILE A 184 -29.11 3.95 -5.70
C ILE A 184 -28.51 3.11 -6.83
N ASP A 185 -27.41 2.42 -6.51
CA ASP A 185 -26.86 1.48 -7.46
C ASP A 185 -26.05 0.44 -6.70
N ARG A 186 -26.25 -0.84 -7.03
CA ARG A 186 -25.47 -1.89 -6.43
C ARG A 186 -24.03 -1.91 -6.94
N HIS A 187 -23.70 -1.07 -7.92
CA HIS A 187 -22.32 -0.89 -8.39
C HIS A 187 -21.88 0.55 -8.14
N PRO A 188 -20.98 0.78 -7.20
CA PRO A 188 -20.58 2.15 -6.88
C PRO A 188 -20.09 2.93 -8.09
N ASP A 189 -19.48 2.25 -9.06
CA ASP A 189 -18.89 2.95 -10.20
C ASP A 189 -19.94 3.65 -11.06
N GLU A 190 -21.22 3.27 -10.90
CA GLU A 190 -22.29 3.97 -11.61
C GLU A 190 -22.40 5.43 -11.20
N VAL A 191 -21.97 5.78 -10.00
CA VAL A 191 -22.03 7.18 -9.60
C VAL A 191 -21.11 8.04 -10.47
N PHE A 192 -20.02 7.47 -10.98
CA PHE A 192 -19.14 8.22 -11.87
C PHE A 192 -19.73 8.29 -13.27
N ARG A 193 -20.38 7.22 -13.72
CA ARG A 193 -21.09 7.19 -14.98
C ARG A 193 -22.20 8.24 -15.06
N LEU A 194 -22.59 8.81 -13.95
CA LEU A 194 -23.52 9.92 -13.98
C LEU A 194 -22.98 11.12 -14.76
N VAL A 195 -21.65 11.22 -14.96
CA VAL A 195 -21.13 12.34 -15.74
C VAL A 195 -21.58 12.30 -17.20
N ASN A 196 -22.12 11.17 -17.66
CA ASN A 196 -22.71 11.13 -18.99
C ASN A 196 -23.79 12.19 -19.14
N PHE A 197 -24.53 12.48 -18.08
CA PHE A 197 -25.65 13.40 -18.16
C PHE A 197 -25.18 14.83 -18.34
N TRP A 198 -23.89 15.09 -18.16
CA TRP A 198 -23.34 16.38 -18.56
C TRP A 198 -22.38 16.24 -19.74
N GLY A 199 -22.56 15.18 -20.53
CA GLY A 199 -21.79 15.01 -21.74
C GLY A 199 -20.35 14.56 -21.57
N ALA A 200 -20.04 13.81 -20.50
CA ALA A 200 -18.67 13.36 -20.24
C ALA A 200 -18.64 11.84 -20.18
N ARG A 201 -17.68 11.21 -20.86
CA ARG A 201 -17.56 9.77 -20.76
C ARG A 201 -17.01 9.39 -19.39
N SER A 202 -17.46 8.26 -18.86
CA SER A 202 -16.79 7.67 -17.71
C SER A 202 -15.97 6.44 -18.06
N SER A 203 -16.27 5.81 -19.18
CA SER A 203 -15.57 4.59 -19.56
C SER A 203 -15.88 4.33 -21.01
N GLY A 204 -14.92 3.71 -21.69
CA GLY A 204 -15.11 3.27 -23.05
C GLY A 204 -15.79 1.93 -23.19
N SER A 205 -16.20 1.29 -22.11
CA SER A 205 -16.79 -0.04 -22.26
C SER A 205 -17.57 -0.42 -20.99
N ASP A 206 -18.15 -1.61 -21.04
CA ASP A 206 -18.81 -2.20 -19.88
C ASP A 206 -17.83 -2.43 -18.71
N ASN A 207 -16.52 -2.38 -18.96
CA ASN A 207 -15.54 -2.38 -17.88
C ASN A 207 -15.40 -0.97 -17.37
N TYR A 208 -15.54 -0.80 -16.06
CA TYR A 208 -15.44 0.54 -15.49
C TYR A 208 -14.03 1.10 -15.65
N MET A 209 -14.00 2.43 -15.81
CA MET A 209 -12.78 3.21 -15.96
C MET A 209 -11.95 2.71 -17.14
N ASP A 210 -12.61 2.31 -18.22
CA ASP A 210 -11.88 1.81 -19.37
C ASP A 210 -11.48 2.96 -20.28
N PHE A 211 -10.45 2.73 -21.09
CA PHE A 211 -10.05 3.70 -22.09
C PHE A 211 -11.09 3.73 -23.22
N TYR A 212 -10.98 4.72 -24.10
CA TYR A 212 -11.86 4.78 -25.26
C TYR A 212 -11.17 5.52 -26.40
N ILE A 213 -11.70 5.34 -27.61
CA ILE A 213 -11.18 5.98 -28.80
C ILE A 213 -12.08 7.15 -29.12
N ASP A 214 -11.50 8.33 -29.26
CA ASP A 214 -12.23 9.53 -29.65
C ASP A 214 -11.58 10.02 -30.94
N ASN A 215 -12.25 9.75 -32.05
CA ASN A 215 -11.82 10.23 -33.36
C ASN A 215 -10.37 9.85 -33.63
N GLY A 216 -10.08 8.57 -33.49
CA GLY A 216 -8.75 8.06 -33.77
C GLY A 216 -7.70 8.38 -32.73
N ARG A 217 -8.10 8.88 -31.56
CA ARG A 217 -7.22 9.22 -30.45
C ARG A 217 -7.62 8.39 -29.23
N VAL A 218 -6.67 7.61 -28.70
CA VAL A 218 -6.96 6.89 -27.45
C VAL A 218 -6.89 7.88 -26.29
N LYS A 219 -7.92 7.87 -25.48
CA LYS A 219 -8.01 8.73 -24.32
C LYS A 219 -8.40 7.88 -23.12
N HIS A 220 -8.16 8.42 -21.93
CA HIS A 220 -8.87 7.87 -20.79
C HIS A 220 -9.85 8.88 -20.24
N PRO A 221 -11.10 8.48 -20.03
CA PRO A 221 -12.15 9.48 -19.73
C PRO A 221 -11.90 10.30 -18.48
N TRP A 222 -11.26 9.71 -17.46
CA TRP A 222 -11.11 10.45 -16.21
C TRP A 222 -10.03 11.50 -16.28
N ALA A 223 -9.29 11.56 -17.39
CA ALA A 223 -8.24 12.56 -17.56
C ALA A 223 -8.73 13.82 -18.26
N GLU A 224 -9.90 13.80 -18.87
CA GLU A 224 -10.40 14.92 -19.64
C GLU A 224 -11.09 15.97 -18.76
N THR A 225 -10.94 17.22 -19.18
CA THR A 225 -11.64 18.32 -18.53
C THR A 225 -13.15 18.10 -18.48
N ALA A 226 -13.70 17.36 -19.45
CA ALA A 226 -15.14 17.09 -19.45
C ALA A 226 -15.53 16.26 -18.24
N PHE A 227 -14.63 15.37 -17.78
CA PHE A 227 -14.90 14.59 -16.59
C PHE A 227 -14.90 15.47 -15.35
N ARG A 228 -13.98 16.43 -15.30
CA ARG A 228 -13.93 17.33 -14.16
C ARG A 228 -15.23 18.12 -14.04
N ASP A 229 -15.72 18.65 -15.16
CA ASP A 229 -16.95 19.42 -15.12
C ASP A 229 -18.12 18.54 -14.72
N GLY A 230 -18.14 17.29 -15.20
CA GLY A 230 -19.23 16.41 -14.84
C GLY A 230 -19.21 16.05 -13.37
N MET A 231 -18.02 15.82 -12.81
CA MET A 231 -17.93 15.48 -11.39
C MET A 231 -18.35 16.63 -10.48
N LYS A 232 -18.23 17.87 -10.98
CA LYS A 232 -18.69 19.05 -10.27
C LYS A 232 -20.19 18.98 -10.00
N HIS A 233 -20.98 18.49 -10.96
CA HIS A 233 -22.42 18.33 -10.72
C HIS A 233 -22.69 17.08 -9.90
N VAL A 234 -21.92 16.03 -10.13
CA VAL A 234 -22.13 14.78 -9.40
C VAL A 234 -21.86 14.99 -7.91
N ALA A 235 -20.89 15.84 -7.60
CA ALA A 235 -20.58 16.12 -6.19
C ALA A 235 -21.69 16.92 -5.58
N GLN A 236 -22.29 17.80 -6.36
CA GLN A 236 -23.39 18.60 -5.85
C GLN A 236 -24.59 17.73 -5.55
N TRP A 237 -24.84 16.73 -6.41
CA TRP A 237 -25.94 15.81 -6.18
C TRP A 237 -25.74 15.01 -4.92
N TYR A 238 -24.52 14.53 -4.70
CA TYR A 238 -24.20 13.81 -3.48
C TYR A 238 -24.41 14.71 -2.26
N LYS A 239 -23.93 15.94 -2.35
CA LYS A 239 -24.12 16.90 -1.26
C LYS A 239 -25.60 17.15 -0.98
N GLU A 240 -26.44 17.19 -2.02
CA GLU A 240 -27.87 17.45 -1.84
C GLU A 240 -28.63 16.22 -1.37
N GLY A 241 -27.94 15.10 -1.19
CA GLY A 241 -28.59 13.86 -0.79
C GLY A 241 -29.34 13.15 -1.89
N LEU A 242 -29.14 13.54 -3.16
CA LEU A 242 -29.82 12.87 -4.25
C LEU A 242 -29.22 11.50 -4.53
N ILE A 243 -27.93 11.33 -4.25
CA ILE A 243 -27.24 10.05 -4.40
C ILE A 243 -27.12 9.40 -3.04
N ASP A 244 -27.31 8.08 -2.99
CA ASP A 244 -27.14 7.29 -1.77
C ASP A 244 -25.84 7.66 -1.05
N LYS A 245 -25.97 8.09 0.18
CA LYS A 245 -24.81 8.44 0.97
C LYS A 245 -23.86 7.25 1.04
N GLU A 246 -24.41 6.04 1.11
CA GLU A 246 -23.63 4.82 1.22
C GLU A 246 -23.27 4.22 -0.12
N ILE A 247 -23.30 5.02 -1.21
CA ILE A 247 -23.14 4.46 -2.55
C ILE A 247 -21.84 3.67 -2.70
N PHE A 248 -20.77 4.06 -2.01
CA PHE A 248 -19.50 3.35 -2.16
C PHE A 248 -19.38 2.12 -1.27
N THR A 249 -20.28 1.96 -0.30
CA THR A 249 -20.14 0.88 0.67
C THR A 249 -21.31 -0.07 0.73
N ARG A 250 -22.48 0.29 0.15
CA ARG A 250 -23.64 -0.58 0.23
C ARG A 250 -23.48 -1.81 -0.66
N LYS A 251 -23.19 -1.59 -1.95
CA LYS A 251 -22.75 -2.60 -2.92
C LYS A 251 -23.78 -3.68 -3.24
N ALA A 252 -23.37 -4.95 -3.15
CA ALA A 252 -24.04 -6.04 -3.85
C ALA A 252 -25.57 -6.02 -3.73
N LYS A 253 -26.10 -5.91 -2.51
CA LYS A 253 -27.53 -6.07 -2.27
C LYS A 253 -28.26 -4.74 -2.16
N ALA A 254 -27.77 -3.72 -2.87
CA ALA A 254 -28.37 -2.40 -2.79
C ALA A 254 -29.81 -2.41 -3.31
N ARG A 255 -30.11 -3.23 -4.31
CA ARG A 255 -31.48 -3.32 -4.80
C ARG A 255 -32.40 -3.94 -3.76
N GLU A 256 -31.97 -5.07 -3.18
CA GLU A 256 -32.79 -5.71 -2.16
C GLU A 256 -33.03 -4.76 -0.98
N GLN A 257 -32.02 -4.00 -0.58
CA GLN A 257 -32.14 -3.10 0.54
C GLN A 257 -32.97 -1.87 0.19
N MET A 258 -32.55 -1.13 -0.81
CA MET A 258 -33.16 0.17 -1.08
C MET A 258 -34.50 0.05 -1.79
N PHE A 259 -34.62 -0.87 -2.75
CA PHE A 259 -35.94 -1.09 -3.35
C PHE A 259 -36.84 -1.88 -2.40
N GLY A 260 -36.34 -3.01 -1.88
CA GLY A 260 -37.12 -3.79 -0.94
C GLY A 260 -37.58 -2.98 0.27
N GLY A 261 -36.79 -1.99 0.69
CA GLY A 261 -37.21 -1.11 1.77
C GLY A 261 -37.91 0.16 1.32
N ASN A 262 -38.24 0.26 0.03
CA ASN A 262 -39.03 1.36 -0.51
C ASN A 262 -38.37 2.72 -0.24
N LEU A 263 -37.05 2.77 -0.41
CA LEU A 263 -36.31 4.00 -0.22
C LEU A 263 -35.75 4.58 -1.52
N GLY A 264 -35.47 3.73 -2.50
CA GLY A 264 -34.80 4.19 -3.70
C GLY A 264 -35.77 4.51 -4.82
N GLY A 265 -35.43 5.55 -5.58
CA GLY A 265 -36.28 5.89 -6.71
C GLY A 265 -35.75 5.66 -8.10
N PHE A 266 -34.46 5.33 -8.25
CA PHE A 266 -33.82 5.51 -9.55
C PHE A 266 -32.47 4.81 -9.60
N THR A 267 -32.19 4.13 -10.71
CA THR A 267 -30.93 3.41 -10.77
C THR A 267 -30.54 3.19 -12.21
N HIS A 268 -29.30 2.74 -12.41
CA HIS A 268 -28.78 2.30 -13.71
C HIS A 268 -28.22 0.89 -13.56
N ASP A 269 -28.92 -0.09 -14.10
CA ASP A 269 -28.58 -1.47 -13.82
C ASP A 269 -28.98 -2.31 -15.02
N TRP A 270 -28.90 -3.63 -14.88
CA TRP A 270 -29.19 -4.49 -16.03
C TRP A 270 -30.70 -4.67 -16.18
N PHE A 271 -31.13 -4.80 -17.44
CA PHE A 271 -32.56 -4.85 -17.74
C PHE A 271 -33.23 -6.06 -17.11
N ALA A 272 -32.69 -7.26 -17.34
CA ALA A 272 -33.40 -8.46 -16.92
C ALA A 272 -33.60 -8.47 -15.40
N SER A 273 -32.51 -8.39 -14.65
CA SER A 273 -32.58 -8.59 -13.21
C SER A 273 -33.31 -7.44 -12.51
N THR A 274 -33.04 -6.20 -12.92
CA THR A 274 -33.66 -5.08 -12.21
C THR A 274 -35.19 -5.13 -12.36
N MET A 275 -35.67 -5.59 -13.50
CA MET A 275 -37.11 -5.61 -13.73
C MET A 275 -37.80 -6.75 -13.00
N THR A 276 -37.05 -7.76 -12.55
CA THR A 276 -37.66 -8.81 -11.75
C THR A 276 -38.24 -8.28 -10.46
N PHE A 277 -37.72 -7.15 -9.94
CA PHE A 277 -38.17 -6.65 -8.64
C PHE A 277 -39.63 -6.19 -8.66
N ASN A 278 -40.17 -5.87 -9.84
CA ASN A 278 -41.59 -5.52 -9.88
C ASN A 278 -42.42 -6.65 -9.31
N GLU A 279 -42.22 -7.85 -9.83
CA GLU A 279 -42.90 -9.03 -9.29
CA GLU A 279 -42.92 -9.00 -9.27
C GLU A 279 -42.40 -9.35 -7.89
N GLY A 280 -41.07 -9.41 -7.71
CA GLY A 280 -40.49 -9.85 -6.45
C GLY A 280 -40.90 -9.03 -5.24
N LEU A 281 -41.10 -7.74 -5.43
CA LEU A 281 -41.56 -6.87 -4.36
C LEU A 281 -43.06 -6.59 -4.42
N ALA A 282 -43.81 -7.31 -5.25
CA ALA A 282 -45.21 -6.94 -5.49
C ALA A 282 -46.06 -7.06 -4.22
N LYS A 283 -45.69 -7.96 -3.33
CA LYS A 283 -46.44 -8.18 -2.09
C LYS A 283 -45.91 -7.33 -0.95
N THR A 284 -44.58 -7.15 -0.85
CA THR A 284 -43.96 -6.43 0.24
C THR A 284 -44.02 -4.92 0.06
N VAL A 285 -44.00 -4.44 -1.17
CA VAL A 285 -44.15 -3.02 -1.45
C VAL A 285 -45.29 -2.89 -2.45
N PRO A 286 -46.55 -2.90 -2.01
CA PRO A 286 -47.66 -2.88 -2.99
C PRO A 286 -47.53 -1.69 -3.93
N GLY A 287 -47.64 -1.97 -5.22
CA GLY A 287 -47.62 -0.92 -6.22
C GLY A 287 -46.26 -0.60 -6.78
N PHE A 288 -45.21 -1.18 -6.21
CA PHE A 288 -43.86 -0.97 -6.71
C PHE A 288 -43.82 -1.24 -8.21
N LYS A 289 -43.36 -0.25 -8.97
CA LYS A 289 -43.25 -0.43 -10.42
C LYS A 289 -42.08 0.38 -10.93
N LEU A 290 -40.97 -0.30 -11.28
CA LEU A 290 -39.85 0.27 -12.02
C LEU A 290 -40.12 0.23 -13.51
N ILE A 291 -39.82 1.33 -14.19
CA ILE A 291 -39.93 1.28 -15.65
C ILE A 291 -38.60 1.63 -16.31
N PRO A 292 -38.29 1.04 -17.45
CA PRO A 292 -37.15 1.53 -18.25
C PRO A 292 -37.49 2.88 -18.86
N ILE A 293 -36.53 3.80 -18.81
CA ILE A 293 -36.68 5.07 -19.52
C ILE A 293 -35.48 5.29 -20.42
N ALA A 294 -35.73 5.94 -21.54
CA ALA A 294 -34.64 6.42 -22.37
C ALA A 294 -33.68 7.24 -21.53
N PRO A 295 -32.39 7.25 -21.84
CA PRO A 295 -31.47 8.12 -21.10
C PRO A 295 -31.90 9.57 -21.26
N PRO A 296 -32.22 10.24 -20.16
CA PRO A 296 -32.59 11.66 -20.25
C PRO A 296 -31.53 12.42 -21.01
N THR A 297 -31.97 13.27 -21.95
CA THR A 297 -31.05 14.03 -22.76
C THR A 297 -30.03 14.79 -21.92
N ASN A 298 -28.76 14.64 -22.24
CA ASN A 298 -27.74 15.25 -21.41
C ASN A 298 -27.61 16.73 -21.75
N SER A 299 -26.77 17.45 -20.99
CA SER A 299 -26.64 18.89 -21.15
C SER A 299 -26.21 19.30 -22.55
N LYS A 300 -25.62 18.40 -23.32
CA LYS A 300 -25.12 18.69 -24.67
C LYS A 300 -26.11 18.28 -25.73
N GLY A 301 -27.27 17.76 -25.32
CA GLY A 301 -28.35 17.49 -26.25
C GLY A 301 -28.35 16.11 -26.85
N GLN A 302 -27.73 15.12 -26.20
CA GLN A 302 -27.71 13.78 -26.73
C GLN A 302 -28.07 12.79 -25.63
N ARG A 303 -28.61 11.64 -26.04
CA ARG A 303 -29.02 10.58 -25.14
C ARG A 303 -27.98 9.47 -25.18
N TRP A 304 -27.35 9.22 -24.04
CA TRP A 304 -26.17 8.37 -23.93
C TRP A 304 -26.47 7.13 -23.09
N GLU A 305 -26.31 5.96 -23.69
CA GLU A 305 -26.20 4.72 -22.93
C GLU A 305 -24.77 4.19 -23.12
N GLU A 306 -23.90 4.48 -22.15
CA GLU A 306 -22.46 4.18 -22.27
C GLU A 306 -22.15 2.70 -22.21
N ASP A 307 -22.97 1.93 -21.51
CA ASP A 307 -22.76 0.52 -21.27
C ASP A 307 -23.31 -0.35 -22.40
N SER A 308 -22.61 -1.47 -22.64
CA SER A 308 -23.03 -2.44 -23.64
C SER A 308 -22.51 -3.82 -23.24
N ARG A 309 -23.12 -4.86 -23.78
CA ARG A 309 -22.60 -6.20 -23.53
C ARG A 309 -21.27 -6.33 -24.25
N GLN A 310 -20.28 -6.97 -23.60
CA GLN A 310 -18.97 -7.16 -24.20
C GLN A 310 -18.95 -8.39 -25.09
N LYS A 311 -18.11 -8.35 -26.14
CA LYS A 311 -17.93 -9.57 -26.93
C LYS A 311 -17.18 -10.64 -26.13
N VAL A 312 -16.24 -10.21 -25.31
CA VAL A 312 -15.50 -11.10 -24.42
C VAL A 312 -15.13 -10.32 -23.18
N ARG A 313 -15.31 -10.92 -22.01
CA ARG A 313 -15.00 -10.23 -20.77
C ARG A 313 -13.58 -10.55 -20.33
N PRO A 314 -12.95 -9.69 -19.53
CA PRO A 314 -11.56 -9.93 -19.13
C PRO A 314 -11.47 -10.90 -17.97
N ASP A 315 -12.25 -11.99 -18.07
CA ASP A 315 -12.36 -13.00 -17.05
C ASP A 315 -12.17 -14.37 -17.69
N GLY A 316 -11.86 -15.35 -16.85
CA GLY A 316 -11.77 -16.73 -17.28
C GLY A 316 -10.81 -17.49 -16.38
N TRP A 317 -10.21 -18.54 -16.92
CA TRP A 317 -9.31 -19.35 -16.14
C TRP A 317 -8.17 -19.84 -17.00
N ALA A 318 -7.08 -20.25 -16.33
CA ALA A 318 -5.81 -20.51 -16.98
C ALA A 318 -5.19 -21.75 -16.35
N ILE A 319 -4.22 -22.33 -17.08
CA ILE A 319 -3.49 -23.51 -16.65
C ILE A 319 -2.12 -23.07 -16.13
N THR A 320 -1.80 -23.42 -14.89
CA THR A 320 -0.51 -23.08 -14.31
C THR A 320 0.57 -24.06 -14.78
N VAL A 321 1.83 -23.63 -14.68
CA VAL A 321 2.95 -24.53 -14.95
C VAL A 321 2.94 -25.72 -14.01
N LYS A 322 2.39 -25.54 -12.80
CA LYS A 322 2.41 -26.64 -11.84
C LYS A 322 1.48 -27.77 -12.27
N ASN A 323 0.53 -27.48 -13.16
CA ASN A 323 -0.46 -28.45 -13.62
C ASN A 323 0.18 -29.63 -14.34
N LYS A 324 0.13 -30.79 -13.70
CA LYS A 324 0.71 -31.99 -14.25
C LYS A 324 -0.18 -32.68 -15.24
N ASN A 325 -1.38 -32.15 -15.49
CA ASN A 325 -2.30 -32.76 -16.45
C ASN A 325 -2.83 -31.71 -17.40
N PRO A 326 -1.95 -31.10 -18.20
CA PRO A 326 -2.41 -30.04 -19.11
C PRO A 326 -3.37 -30.52 -20.18
N VAL A 327 -3.19 -31.75 -20.67
CA VAL A 327 -4.06 -32.26 -21.72
C VAL A 327 -5.48 -32.47 -21.21
N GLU A 328 -5.62 -33.19 -20.10
CA GLU A 328 -6.95 -33.39 -19.52
C GLU A 328 -7.57 -32.05 -19.13
N THR A 329 -6.75 -31.13 -18.59
CA THR A 329 -7.27 -29.83 -18.23
C THR A 329 -7.82 -29.07 -19.44
N ILE A 330 -7.08 -29.04 -20.56
CA ILE A 330 -7.60 -28.30 -21.71
C ILE A 330 -8.88 -28.96 -22.27
N LYS A 331 -8.99 -30.30 -22.17
CA LYS A 331 -10.23 -30.96 -22.58
C LYS A 331 -11.37 -30.60 -21.64
N PHE A 332 -11.06 -30.54 -20.34
CA PHE A 332 -12.01 -30.05 -19.36
C PHE A 332 -12.44 -28.62 -19.68
N PHE A 333 -11.50 -27.78 -20.12
CA PHE A 333 -11.88 -26.44 -20.54
C PHE A 333 -12.80 -26.48 -21.74
N ASP A 334 -12.50 -27.37 -22.71
CA ASP A 334 -13.27 -27.46 -23.95
C ASP A 334 -14.72 -27.84 -23.68
N PHE A 335 -14.96 -28.60 -22.62
CA PHE A 335 -16.31 -29.02 -22.25
C PHE A 335 -17.24 -27.84 -22.17
N TYR A 336 -16.75 -26.71 -21.66
CA TYR A 336 -17.58 -25.56 -21.40
C TYR A 336 -17.90 -24.75 -22.65
N PHE A 337 -17.35 -25.13 -23.78
CA PHE A 337 -17.73 -24.56 -25.06
C PHE A 337 -18.53 -25.55 -25.89
N SER A 338 -18.79 -26.73 -25.37
CA SER A 338 -19.67 -27.70 -25.99
C SER A 338 -21.09 -27.50 -25.47
N ARG A 339 -22.04 -28.05 -26.22
CA ARG A 339 -23.44 -27.85 -25.85
C ARG A 339 -23.77 -28.32 -24.45
N PRO A 340 -23.32 -29.51 -24.00
CA PRO A 340 -23.62 -29.92 -22.63
C PRO A 340 -22.93 -29.07 -21.58
N GLY A 341 -21.72 -28.58 -21.84
CA GLY A 341 -21.07 -27.67 -20.91
C GLY A 341 -21.79 -26.33 -20.86
N ARG A 342 -22.12 -25.78 -22.02
CA ARG A 342 -22.90 -24.56 -22.04
C ARG A 342 -24.22 -24.76 -21.30
N ASP A 343 -24.79 -25.97 -21.38
CA ASP A 343 -26.04 -26.26 -20.71
C ASP A 343 -25.95 -26.02 -19.21
N ILE A 344 -24.93 -26.60 -18.57
CA ILE A 344 -24.89 -26.53 -17.12
C ILE A 344 -24.35 -25.19 -16.67
N SER A 345 -23.37 -24.65 -17.40
CA SER A 345 -22.75 -23.40 -16.98
C SER A 345 -23.68 -22.23 -17.09
N ASN A 346 -24.75 -22.39 -17.88
CA ASN A 346 -25.75 -21.36 -18.07
C ASN A 346 -27.05 -21.64 -17.34
N PHE A 347 -27.43 -22.91 -17.21
CA PHE A 347 -28.75 -23.29 -16.71
C PHE A 347 -28.75 -24.02 -15.37
N GLY A 348 -27.61 -24.53 -14.90
CA GLY A 348 -27.56 -25.20 -13.63
C GLY A 348 -27.50 -26.72 -13.80
N VAL A 349 -28.41 -27.43 -13.13
CA VAL A 349 -28.41 -28.89 -13.11
C VAL A 349 -29.70 -29.39 -13.74
N PRO A 350 -29.65 -30.29 -14.71
CA PRO A 350 -30.88 -30.86 -15.28
C PRO A 350 -31.72 -31.54 -14.21
N GLY A 351 -33.04 -31.59 -14.46
CA GLY A 351 -33.97 -32.12 -13.48
C GLY A 351 -34.01 -31.35 -12.18
N VAL A 352 -33.20 -30.29 -12.03
CA VAL A 352 -33.16 -29.46 -10.84
C VAL A 352 -33.55 -28.01 -11.16
N THR A 353 -32.96 -27.43 -12.20
CA THR A 353 -33.31 -26.10 -12.67
C THR A 353 -33.81 -26.06 -14.11
N TYR A 354 -33.60 -27.11 -14.89
CA TYR A 354 -33.98 -27.09 -16.29
C TYR A 354 -34.13 -28.52 -16.80
N ASP A 355 -34.75 -28.63 -17.96
CA ASP A 355 -34.84 -29.88 -18.69
C ASP A 355 -34.51 -29.61 -20.15
N ILE A 356 -34.17 -30.66 -20.88
CA ILE A 356 -33.94 -30.57 -22.32
C ILE A 356 -35.28 -30.77 -23.02
N LYS A 357 -35.90 -29.67 -23.45
CA LYS A 357 -37.20 -29.66 -24.13
C LYS A 357 -37.00 -29.22 -25.57
N ASN A 358 -37.33 -30.11 -26.50
CA ASN A 358 -37.17 -29.85 -27.94
C ASN A 358 -35.72 -29.50 -28.28
N GLY A 359 -34.78 -30.21 -27.65
CA GLY A 359 -33.37 -30.07 -27.97
C GLY A 359 -32.71 -28.84 -27.39
N LYS A 360 -33.16 -28.36 -26.25
CA LYS A 360 -32.57 -27.17 -25.65
C LYS A 360 -32.98 -27.11 -24.19
N ALA A 361 -32.15 -26.45 -23.39
CA ALA A 361 -32.41 -26.30 -21.97
C ALA A 361 -33.56 -25.33 -21.74
N VAL A 362 -34.56 -25.77 -20.98
CA VAL A 362 -35.67 -24.90 -20.61
C VAL A 362 -35.82 -24.95 -19.09
N PHE A 363 -35.63 -23.79 -18.47
CA PHE A 363 -35.92 -23.63 -17.05
C PHE A 363 -37.36 -24.00 -16.75
N LYS A 364 -37.63 -24.35 -15.50
CA LYS A 364 -39.02 -24.41 -15.11
C LYS A 364 -39.29 -23.49 -13.90
N ASP A 365 -40.47 -23.62 -13.32
CA ASP A 365 -41.15 -22.44 -12.80
C ASP A 365 -40.79 -22.07 -11.36
N SER A 366 -40.19 -22.98 -10.58
CA SER A 366 -39.73 -22.56 -9.26
C SER A 366 -38.65 -21.48 -9.39
N VAL A 367 -37.79 -21.58 -10.39
CA VAL A 367 -36.74 -20.57 -10.58
C VAL A 367 -37.33 -19.31 -11.22
N LEU A 368 -38.16 -19.45 -12.25
CA LEU A 368 -38.62 -18.28 -12.99
C LEU A 368 -39.45 -17.30 -12.15
N LYS A 369 -40.01 -17.74 -11.02
CA LYS A 369 -40.89 -16.88 -10.25
C LYS A 369 -40.30 -16.47 -8.91
N SER A 370 -39.07 -16.88 -8.62
CA SER A 370 -38.41 -16.45 -7.40
C SER A 370 -38.29 -14.93 -7.36
N PRO A 371 -38.45 -14.32 -6.18
CA PRO A 371 -38.15 -12.88 -6.03
C PRO A 371 -36.70 -12.55 -6.31
N GLN A 372 -35.81 -13.56 -6.28
CA GLN A 372 -34.39 -13.39 -6.60
C GLN A 372 -34.18 -13.63 -8.09
N PRO A 373 -33.54 -12.70 -8.80
CA PRO A 373 -33.28 -12.89 -10.24
C PRO A 373 -32.65 -14.25 -10.52
N VAL A 374 -32.93 -14.77 -11.72
CA VAL A 374 -32.52 -16.13 -12.05
C VAL A 374 -31.00 -16.29 -11.98
N ASN A 375 -30.27 -15.28 -12.44
CA ASN A 375 -28.82 -15.41 -12.45
C ASN A 375 -28.25 -15.37 -11.03
N ASN A 376 -28.92 -14.67 -10.11
CA ASN A 376 -28.50 -14.70 -8.70
C ASN A 376 -28.66 -16.10 -8.11
N GLN A 377 -29.70 -16.82 -8.52
CA GLN A 377 -29.86 -18.18 -8.06
C GLN A 377 -28.79 -19.10 -8.62
N LEU A 378 -28.38 -18.85 -9.88
CA LEU A 378 -27.44 -19.72 -10.58
C LEU A 378 -26.03 -19.58 -10.01
N TYR A 379 -25.65 -18.37 -9.60
CA TYR A 379 -24.37 -18.19 -8.92
C TYR A 379 -24.25 -19.12 -7.72
N ASP A 380 -25.27 -19.11 -6.85
CA ASP A 380 -25.27 -19.87 -5.60
C ASP A 380 -25.13 -21.37 -5.80
N MET A 381 -25.34 -21.87 -7.02
CA MET A 381 -25.10 -23.26 -7.32
C MET A 381 -23.97 -23.49 -8.31
N GLY A 382 -23.23 -22.44 -8.67
CA GLY A 382 -22.08 -22.57 -9.55
C GLY A 382 -22.32 -22.36 -11.02
N ALA A 383 -23.40 -21.66 -11.41
CA ALA A 383 -23.62 -21.34 -12.82
C ALA A 383 -23.52 -19.84 -13.02
N GLN A 384 -23.27 -19.44 -14.28
CA GLN A 384 -23.10 -18.03 -14.64
C GLN A 384 -21.93 -17.42 -13.88
N ILE A 385 -20.94 -18.25 -13.59
CA ILE A 385 -19.73 -17.77 -12.93
C ILE A 385 -18.63 -17.52 -13.95
N PRO A 386 -17.69 -16.59 -13.67
CA PRO A 386 -16.69 -16.15 -14.65
C PRO A 386 -15.52 -17.12 -14.85
N ILE A 387 -15.83 -18.39 -15.06
CA ILE A 387 -14.90 -19.35 -15.64
C ILE A 387 -14.81 -19.10 -17.15
N GLY A 388 -14.06 -19.95 -17.85
CA GLY A 388 -14.12 -19.95 -19.31
C GLY A 388 -15.30 -20.75 -19.80
N PHE A 389 -16.36 -20.06 -20.25
CA PHE A 389 -17.56 -20.74 -20.72
C PHE A 389 -18.27 -19.81 -21.69
N TRP A 390 -19.10 -20.41 -22.54
CA TRP A 390 -19.73 -19.68 -23.63
C TRP A 390 -21.17 -19.44 -23.20
N GLN A 391 -21.44 -18.25 -22.66
CA GLN A 391 -22.80 -17.88 -22.25
C GLN A 391 -23.76 -18.01 -23.42
N ASP A 392 -25.05 -18.19 -23.08
CA ASP A 392 -26.11 -18.47 -24.04
C ASP A 392 -27.29 -17.58 -23.70
N TYR A 393 -27.55 -16.56 -24.52
CA TYR A 393 -28.60 -15.61 -24.20
C TYR A 393 -29.98 -16.25 -24.09
N ASP A 394 -30.17 -17.46 -24.62
CA ASP A 394 -31.45 -18.13 -24.45
C ASP A 394 -31.77 -18.32 -22.97
N TYR A 395 -30.74 -18.52 -22.13
CA TYR A 395 -30.98 -18.61 -20.68
C TYR A 395 -31.57 -17.30 -20.16
N GLU A 396 -31.15 -16.18 -20.73
CA GLU A 396 -31.55 -14.89 -20.18
C GLU A 396 -32.90 -14.45 -20.74
N ARG A 397 -33.14 -14.78 -22.00
CA ARG A 397 -34.43 -14.50 -22.60
C ARG A 397 -35.56 -15.11 -21.78
N GLN A 398 -35.33 -16.29 -21.21
CA GLN A 398 -36.38 -17.02 -20.52
C GLN A 398 -36.88 -16.32 -19.27
N TRP A 399 -36.09 -15.44 -18.68
CA TRP A 399 -36.60 -14.68 -17.54
C TRP A 399 -36.59 -13.19 -17.82
N THR A 400 -36.60 -12.80 -19.08
CA THR A 400 -36.72 -11.40 -19.46
C THR A 400 -38.21 -11.06 -19.63
N THR A 401 -38.76 -10.28 -18.70
CA THR A 401 -40.19 -10.02 -18.71
C THR A 401 -40.55 -9.13 -19.89
N PRO A 402 -41.81 -9.20 -20.35
CA PRO A 402 -42.22 -8.30 -21.45
C PRO A 402 -41.86 -6.84 -21.22
N GLU A 403 -42.14 -6.28 -20.04
CA GLU A 403 -41.76 -4.90 -19.78
C GLU A 403 -40.24 -4.73 -19.90
N ALA A 404 -39.47 -5.71 -19.45
CA ALA A 404 -38.03 -5.60 -19.62
C ALA A 404 -37.67 -5.61 -21.10
N GLN A 405 -38.33 -6.49 -21.87
CA GLN A 405 -38.05 -6.58 -23.31
C GLN A 405 -38.39 -5.28 -24.03
N ALA A 406 -39.47 -4.62 -23.63
CA ALA A 406 -39.82 -3.37 -24.29
C ALA A 406 -38.77 -2.30 -24.03
N GLY A 407 -38.10 -2.38 -22.87
CA GLY A 407 -37.02 -1.46 -22.61
C GLY A 407 -35.84 -1.72 -23.53
N ILE A 408 -35.45 -2.99 -23.67
CA ILE A 408 -34.33 -3.34 -24.53
C ILE A 408 -34.58 -2.86 -25.95
N ASP A 409 -35.79 -3.15 -26.47
CA ASP A 409 -36.13 -2.76 -27.84
C ASP A 409 -36.08 -1.26 -28.00
N MET A 410 -36.57 -0.53 -27.00
CA MET A 410 -36.46 0.93 -27.01
C MET A 410 -35.02 1.39 -27.17
N TYR A 411 -34.11 0.82 -26.36
CA TYR A 411 -32.71 1.25 -26.39
C TYR A 411 -32.06 0.93 -27.72
N VAL A 412 -32.34 -0.25 -28.28
CA VAL A 412 -31.78 -0.60 -29.60
C VAL A 412 -32.31 0.37 -30.65
N LYS A 413 -33.65 0.46 -30.77
CA LYS A 413 -34.24 1.35 -31.75
C LYS A 413 -33.69 2.76 -31.61
N GLY A 414 -33.60 3.25 -30.38
CA GLY A 414 -33.13 4.61 -30.13
C GLY A 414 -31.65 4.84 -30.40
N LYS A 415 -30.87 3.78 -30.65
CA LYS A 415 -29.46 3.97 -30.96
C LYS A 415 -28.68 4.54 -29.76
N TYR A 416 -29.15 4.25 -28.56
CA TYR A 416 -28.53 4.95 -27.43
C TYR A 416 -27.23 4.31 -27.01
N VAL A 417 -27.00 3.05 -27.37
CA VAL A 417 -25.90 2.27 -26.82
C VAL A 417 -24.59 2.58 -27.56
N MET A 418 -23.68 3.26 -26.88
CA MET A 418 -22.41 3.59 -27.51
C MET A 418 -21.58 2.33 -27.75
N PRO A 419 -20.98 2.20 -28.93
CA PRO A 419 -20.09 1.06 -29.17
C PRO A 419 -18.95 1.07 -28.17
N GLY A 420 -18.58 -0.10 -27.71
CA GLY A 420 -17.54 -0.19 -26.71
C GLY A 420 -16.11 -0.34 -27.26
N PHE A 421 -15.15 -0.03 -26.40
CA PHE A 421 -13.74 -0.19 -26.73
C PHE A 421 -13.40 -1.67 -26.86
N GLU A 422 -12.83 -2.06 -28.02
CA GLU A 422 -12.51 -3.45 -28.28
C GLU A 422 -11.07 -3.81 -27.90
N GLY A 423 -10.23 -2.83 -27.62
CA GLY A 423 -8.89 -3.07 -27.15
C GLY A 423 -7.85 -2.73 -28.19
N VAL A 424 -6.59 -2.92 -27.83
CA VAL A 424 -5.48 -2.69 -28.73
C VAL A 424 -4.48 -3.82 -28.57
N ASN A 425 -3.75 -4.11 -29.65
CA ASN A 425 -2.71 -5.14 -29.66
C ASN A 425 -1.38 -4.44 -29.50
N MET A 426 -0.86 -4.46 -28.28
CA MET A 426 0.41 -3.83 -27.96
C MET A 426 1.56 -4.79 -28.24
N THR A 427 2.75 -4.22 -28.41
CA THR A 427 3.98 -4.99 -28.43
C THR A 427 4.41 -5.37 -27.00
N ARG A 428 5.46 -6.18 -26.91
CA ARG A 428 6.02 -6.53 -25.61
C ARG A 428 6.42 -5.28 -24.81
N GLU A 429 7.10 -4.33 -25.46
CA GLU A 429 7.54 -3.11 -24.77
C GLU A 429 6.37 -2.22 -24.38
N GLU A 430 5.41 -2.05 -25.29
CA GLU A 430 4.26 -1.20 -24.99
C GLU A 430 3.48 -1.74 -23.80
N ARG A 431 3.15 -3.03 -23.82
CA ARG A 431 2.36 -3.60 -22.74
C ARG A 431 3.11 -3.62 -21.44
N ALA A 432 4.45 -3.65 -21.49
CA ALA A 432 5.25 -3.59 -20.27
C ALA A 432 5.08 -2.24 -19.55
N ILE A 433 5.05 -1.15 -20.31
CA ILE A 433 4.77 0.16 -19.73
C ILE A 433 3.36 0.19 -19.16
N TYR A 434 2.43 -0.42 -19.89
CA TYR A 434 1.06 -0.52 -19.40
C TYR A 434 1.02 -1.30 -18.09
N ASP A 435 1.82 -2.38 -18.00
CA ASP A 435 1.82 -3.19 -16.79
C ASP A 435 2.44 -2.44 -15.62
N LYS A 436 3.44 -1.62 -15.89
CA LYS A 436 4.10 -0.99 -14.78
C LYS A 436 3.27 0.15 -14.20
N TYR A 437 2.43 0.79 -15.00
CA TYR A 437 1.78 2.00 -14.56
C TYR A 437 0.27 1.91 -14.39
N TRP A 438 -0.47 1.16 -15.21
CA TRP A 438 -1.91 1.40 -15.30
C TRP A 438 -2.62 1.09 -13.99
N ALA A 439 -2.45 -0.12 -13.47
CA ALA A 439 -3.11 -0.45 -12.20
C ALA A 439 -2.85 0.61 -11.13
N ASP A 440 -1.58 1.01 -10.96
CA ASP A 440 -1.27 2.12 -10.07
C ASP A 440 -2.12 3.35 -10.39
N VAL A 441 -2.15 3.75 -11.65
CA VAL A 441 -2.92 4.94 -12.03
C VAL A 441 -4.42 4.71 -11.79
N ARG A 442 -4.92 3.53 -12.12
CA ARG A 442 -6.34 3.28 -11.97
C ARG A 442 -6.76 3.43 -10.51
N THR A 443 -5.96 2.87 -9.60
CA THR A 443 -6.28 2.97 -8.19
C THR A 443 -6.30 4.42 -7.73
N TYR A 444 -5.28 5.19 -8.10
CA TYR A 444 -5.23 6.57 -7.65
C TYR A 444 -6.41 7.36 -8.20
N MET A 445 -6.83 7.02 -9.42
CA MET A 445 -7.98 7.70 -10.02
C MET A 445 -9.22 7.45 -9.18
N TYR A 446 -9.48 6.17 -8.86
CA TYR A 446 -10.67 5.82 -8.10
C TYR A 446 -10.72 6.53 -6.76
N GLU A 447 -9.57 6.61 -6.08
CA GLU A 447 -9.55 7.24 -4.77
C GLU A 447 -9.84 8.72 -4.89
N MET A 448 -9.34 9.35 -5.94
CA MET A 448 -9.61 10.77 -6.12
C MET A 448 -11.07 11.03 -6.44
N GLY A 449 -11.70 10.16 -7.24
CA GLY A 449 -13.09 10.40 -7.60
C GLY A 449 -14.02 10.16 -6.45
N GLN A 450 -13.78 9.10 -5.67
CA GLN A 450 -14.52 8.89 -4.44
C GLN A 450 -14.44 10.13 -3.57
N ALA A 451 -13.25 10.73 -3.50
CA ALA A 451 -13.04 11.96 -2.77
C ALA A 451 -13.87 13.09 -3.34
N TRP A 452 -13.87 13.23 -4.67
CA TRP A 452 -14.65 14.30 -5.30
C TRP A 452 -16.14 14.10 -5.06
N VAL A 453 -16.66 12.89 -5.34
CA VAL A 453 -18.09 12.61 -5.18
C VAL A 453 -18.54 12.92 -3.76
N MET A 454 -17.78 12.46 -2.76
CA MET A 454 -18.16 12.63 -1.37
C MET A 454 -17.92 14.03 -0.84
N GLY A 455 -17.20 14.89 -1.55
CA GLY A 455 -16.92 16.21 -1.04
C GLY A 455 -15.74 16.31 -0.08
N THR A 456 -14.90 15.28 -0.05
CA THR A 456 -13.64 15.27 0.71
C THR A 456 -12.56 16.14 0.06
N LYS A 457 -12.64 16.32 -1.25
CA LYS A 457 -11.76 17.16 -2.06
C LYS A 457 -12.64 17.84 -3.10
N ASP A 458 -12.26 19.05 -3.49
CA ASP A 458 -12.98 19.76 -4.53
C ASP A 458 -12.36 19.48 -5.89
N VAL A 459 -13.22 19.27 -6.90
CA VAL A 459 -12.74 18.87 -8.21
C VAL A 459 -11.87 19.96 -8.82
N ASP A 460 -12.40 21.19 -8.89
CA ASP A 460 -11.64 22.30 -9.47
C ASP A 460 -10.35 22.54 -8.73
N LYS A 461 -10.41 22.59 -7.39
CA LYS A 461 -9.26 22.99 -6.61
C LYS A 461 -8.14 21.95 -6.62
N THR A 462 -8.43 20.70 -6.98
CA THR A 462 -7.41 19.66 -7.03
C THR A 462 -7.12 19.18 -8.44
N TRP A 463 -7.81 19.72 -9.45
CA TRP A 463 -7.70 19.19 -10.81
C TRP A 463 -6.27 19.28 -11.32
N ASP A 464 -5.59 20.40 -11.05
CA ASP A 464 -4.25 20.56 -11.59
C ASP A 464 -3.27 19.59 -10.94
N GLU A 465 -3.22 19.56 -9.59
CA GLU A 465 -2.39 18.58 -8.91
C GLU A 465 -2.79 17.15 -9.27
N TYR A 466 -4.06 16.93 -9.61
CA TYR A 466 -4.48 15.63 -10.10
C TYR A 466 -3.80 15.31 -11.43
N GLN A 467 -3.84 16.25 -12.39
CA GLN A 467 -3.17 16.04 -13.67
C GLN A 467 -1.66 15.87 -13.52
N ARG A 468 -1.07 16.55 -12.53
CA ARG A 468 0.34 16.34 -12.25
C ARG A 468 0.61 14.90 -11.84
N GLN A 469 -0.22 14.39 -10.92
CA GLN A 469 -0.05 13.01 -10.48
C GLN A 469 -0.28 12.05 -11.63
N LEU A 470 -1.28 12.33 -12.47
CA LEU A 470 -1.49 11.51 -13.65
C LEU A 470 -0.22 11.44 -14.51
N LYS A 471 0.43 12.57 -14.72
CA LYS A 471 1.63 12.57 -15.55
C LYS A 471 2.79 11.85 -14.83
N LEU A 472 3.00 12.15 -13.55
CA LEU A 472 4.15 11.58 -12.85
C LEU A 472 3.96 10.09 -12.59
N ARG A 473 2.72 9.65 -12.42
CA ARG A 473 2.45 8.22 -12.28
C ARG A 473 2.28 7.51 -13.62
N GLY A 474 2.55 8.18 -14.73
CA GLY A 474 2.71 7.47 -15.98
C GLY A 474 1.47 7.29 -16.85
N LEU A 475 0.37 7.98 -16.55
CA LEU A 475 -0.83 7.83 -17.36
C LEU A 475 -0.57 8.20 -18.83
N TYR A 476 0.12 9.31 -19.06
CA TYR A 476 0.24 9.77 -20.43
C TYR A 476 1.28 8.96 -21.20
N GLN A 477 2.23 8.35 -20.48
CA GLN A 477 3.10 7.40 -21.13
C GLN A 477 2.33 6.14 -21.50
N VAL A 478 1.39 5.71 -20.65
CA VAL A 478 0.55 4.59 -21.05
C VAL A 478 -0.25 4.94 -22.30
N LEU A 479 -0.86 6.12 -22.32
CA LEU A 479 -1.63 6.55 -23.48
C LEU A 479 -0.78 6.59 -24.74
N GLN A 480 0.46 7.10 -24.62
CA GLN A 480 1.33 7.16 -25.79
C GLN A 480 1.57 5.77 -26.35
N MET A 481 1.62 4.75 -25.48
CA MET A 481 1.92 3.40 -25.96
C MET A 481 0.69 2.74 -26.58
N MET A 482 -0.48 2.99 -26.02
CA MET A 482 -1.73 2.50 -26.60
C MET A 482 -1.99 3.16 -27.96
N GLN A 483 -1.78 4.47 -28.04
CA GLN A 483 -1.97 5.20 -29.30
C GLN A 483 -1.03 4.66 -30.35
N GLN A 484 0.21 4.38 -29.95
CA GLN A 484 1.19 3.81 -30.85
C GLN A 484 0.68 2.50 -31.40
N ALA A 485 0.12 1.65 -30.54
CA ALA A 485 -0.45 0.39 -31.00
C ALA A 485 -1.74 0.59 -31.77
N TYR A 486 -2.51 1.61 -31.43
CA TYR A 486 -3.71 1.87 -32.21
C TYR A 486 -3.34 2.29 -33.62
N ASP A 487 -2.32 3.16 -33.75
CA ASP A 487 -1.84 3.62 -35.05
C ASP A 487 -1.30 2.49 -35.91
N ARG A 488 -0.77 1.43 -35.30
CA ARG A 488 -0.38 0.26 -36.08
C ARG A 488 -1.57 -0.51 -36.61
N GLN A 489 -2.77 -0.23 -36.10
CA GLN A 489 -4.02 -0.71 -36.70
C GLN A 489 -4.74 0.37 -37.49
N TYR A 490 -4.37 1.65 -37.28
CA TYR A 490 -4.94 2.78 -37.98
C TYR A 490 -3.89 3.86 -38.16
N VAL B 6 19.84 27.35 -7.72
CA VAL B 6 19.15 26.37 -8.55
C VAL B 6 17.98 27.01 -9.31
N THR B 7 17.45 28.11 -8.77
CA THR B 7 16.33 28.80 -9.40
C THR B 7 16.73 30.24 -9.74
N ASP B 8 16.29 30.69 -10.92
CA ASP B 8 16.60 32.03 -11.39
C ASP B 8 15.86 33.06 -10.56
N LYS B 9 14.62 32.77 -10.24
CA LYS B 9 13.77 33.64 -9.47
C LYS B 9 13.56 33.06 -8.09
N PRO B 10 13.72 33.86 -7.04
CA PRO B 10 13.72 33.33 -5.67
C PRO B 10 12.49 32.47 -5.42
N LEU B 11 12.71 31.27 -4.90
CA LEU B 11 11.62 30.32 -4.65
C LEU B 11 11.57 30.02 -3.16
N THR B 12 10.52 30.51 -2.50
CA THR B 12 10.30 30.27 -1.08
C THR B 12 9.27 29.15 -0.94
N LEU B 13 9.65 28.08 -0.24
CA LEU B 13 8.87 26.85 -0.14
C LEU B 13 8.60 26.48 1.30
N LYS B 14 7.39 25.98 1.55
CA LYS B 14 6.97 25.60 2.87
C LYS B 14 7.49 24.19 3.20
N ILE B 15 8.11 24.02 4.36
CA ILE B 15 8.61 22.71 4.77
C ILE B 15 7.96 22.37 6.09
N HIS B 16 7.37 21.18 6.17
CA HIS B 16 7.07 20.60 7.47
C HIS B 16 8.17 19.61 7.82
N MET B 17 9.01 19.98 8.75
CA MET B 17 10.09 19.09 9.19
C MET B 17 10.16 19.17 10.71
N HIS B 18 9.61 18.16 11.37
CA HIS B 18 9.73 18.01 12.81
C HIS B 18 10.47 16.71 13.10
N PHE B 19 11.62 16.80 13.76
CA PHE B 19 12.46 15.62 13.85
C PHE B 19 13.04 15.45 15.24
N ARG B 20 13.19 14.17 15.62
CA ARG B 20 13.88 13.77 16.85
C ARG B 20 13.18 14.32 18.09
N ASP B 21 11.87 14.59 17.97
CA ASP B 21 10.97 15.03 19.04
C ASP B 21 11.39 16.36 19.65
N LYS B 22 12.31 17.09 19.03
CA LYS B 22 12.75 18.34 19.65
C LYS B 22 13.02 19.45 18.65
N TRP B 23 13.09 19.18 17.36
CA TRP B 23 13.62 20.16 16.43
C TRP B 23 12.76 20.29 15.18
N VAL B 24 12.82 21.49 14.59
CA VAL B 24 12.17 21.79 13.34
C VAL B 24 13.16 22.53 12.47
N TRP B 25 12.86 22.63 11.18
CA TRP B 25 13.66 23.50 10.32
C TRP B 25 13.70 24.92 10.88
N ASP B 26 14.89 25.52 10.87
CA ASP B 26 15.07 26.88 11.37
C ASP B 26 15.60 27.76 10.25
N GLU B 27 14.82 28.78 9.92
CA GLU B 27 15.17 29.70 8.83
C GLU B 27 16.35 30.58 9.21
N ASN B 28 16.54 30.81 10.51
CA ASN B 28 17.68 31.54 11.03
C ASN B 28 18.86 30.64 11.35
N TRP B 29 18.80 29.37 10.94
CA TRP B 29 20.00 28.55 10.99
C TRP B 29 21.06 29.20 10.11
N PRO B 30 22.31 29.24 10.57
CA PRO B 30 23.38 29.65 9.66
C PRO B 30 23.46 28.80 8.42
N VAL B 31 23.16 27.51 8.53
CA VAL B 31 23.29 26.64 7.36
C VAL B 31 22.14 26.89 6.40
N ALA B 32 20.95 27.13 6.93
CA ALA B 32 19.79 27.43 6.08
C ALA B 32 19.98 28.76 5.37
N LYS B 33 20.35 29.80 6.11
CA LYS B 33 20.66 31.09 5.51
C LYS B 33 21.77 30.95 4.47
N GLU B 34 22.71 30.04 4.69
CA GLU B 34 23.70 29.73 3.66
C GLU B 34 23.13 28.83 2.56
N SER B 35 22.21 27.94 2.92
CA SER B 35 21.55 27.13 1.90
C SER B 35 20.80 28.00 0.92
N PHE B 36 20.03 28.95 1.45
CA PHE B 36 19.31 29.88 0.57
C PHE B 36 20.26 30.67 -0.30
N ARG B 37 21.42 31.03 0.24
CA ARG B 37 22.31 31.88 -0.53
C ARG B 37 22.94 31.11 -1.70
N LEU B 38 23.19 29.82 -1.52
CA LEU B 38 23.87 29.05 -2.55
C LEU B 38 22.91 28.50 -3.61
N THR B 39 21.66 28.23 -3.22
CA THR B 39 20.68 27.62 -4.11
C THR B 39 19.59 28.59 -4.54
N ASN B 40 19.45 29.72 -3.84
CA ASN B 40 18.35 30.69 -3.99
C ASN B 40 16.98 30.06 -3.72
N VAL B 41 16.95 29.05 -2.87
CA VAL B 41 15.70 28.47 -2.41
C VAL B 41 15.65 28.67 -0.91
N LYS B 42 14.64 29.39 -0.45
CA LYS B 42 14.42 29.59 0.97
C LYS B 42 13.32 28.63 1.43
N LEU B 43 13.53 28.02 2.60
CA LEU B 43 12.51 27.19 3.22
C LEU B 43 11.89 27.94 4.38
N GLN B 44 10.59 27.79 4.49
CA GLN B 44 9.82 28.39 5.56
C GLN B 44 9.22 27.31 6.46
N SER B 45 9.50 27.40 7.76
CA SER B 45 9.12 26.34 8.70
C SER B 45 7.67 26.49 9.12
N VAL B 46 6.87 25.43 8.92
CA VAL B 46 5.46 25.42 9.31
C VAL B 46 5.16 24.42 10.42
N ALA B 47 6.15 23.62 10.86
CA ALA B 47 5.91 22.70 11.97
C ALA B 47 5.81 23.45 13.30
N ASN B 48 5.14 22.81 14.26
CA ASN B 48 4.99 23.41 15.57
C ASN B 48 6.27 23.19 16.38
N LYS B 49 7.03 24.28 16.57
CA LYS B 49 8.26 24.26 17.35
C LYS B 49 8.07 23.62 18.72
N ALA B 50 7.02 24.01 19.44
CA ALA B 50 6.86 23.60 20.83
C ALA B 50 6.41 22.15 20.98
N ALA B 51 5.95 21.52 19.90
CA ALA B 51 5.47 20.14 19.98
C ALA B 51 6.62 19.19 20.27
N THR B 52 6.30 18.05 20.90
CA THR B 52 7.33 17.15 21.41
C THR B 52 7.21 15.72 20.89
N ASN B 53 6.39 15.47 19.88
CA ASN B 53 6.37 14.16 19.26
C ASN B 53 6.32 14.32 17.75
N SER B 54 7.44 14.02 17.09
CA SER B 54 7.58 14.26 15.66
C SER B 54 6.67 13.36 14.84
N GLN B 55 6.44 12.12 15.28
CA GLN B 55 5.55 11.25 14.50
C GLN B 55 4.10 11.75 14.58
N GLU B 56 3.67 12.22 15.75
CA GLU B 56 2.32 12.77 15.91
C GLU B 56 2.13 14.01 15.05
N GLN B 57 3.07 14.95 15.09
N GLN B 57 3.14 14.87 14.98
CA GLN B 57 3.03 16.10 14.19
CA GLN B 57 3.05 16.09 14.19
C GLN B 57 2.87 15.66 12.73
C GLN B 57 3.12 15.83 12.70
N PHE B 58 3.65 14.68 12.28
CA PHE B 58 3.47 14.25 10.90
C PHE B 58 2.05 13.74 10.70
N ASN B 59 1.62 12.81 11.55
CA ASN B 59 0.26 12.29 11.45
C ASN B 59 -0.78 13.40 11.51
N LEU B 60 -0.63 14.35 12.46
CA LEU B 60 -1.65 15.40 12.60
C LEU B 60 -1.64 16.30 11.38
N MET B 61 -0.45 16.58 10.86
CA MET B 61 -0.33 17.39 9.66
C MET B 61 -0.99 16.73 8.47
N MET B 62 -0.74 15.43 8.26
CA MET B 62 -1.47 14.72 7.23
C MET B 62 -2.98 14.77 7.48
N ALA B 63 -3.39 14.66 8.74
CA ALA B 63 -4.81 14.56 9.06
C ALA B 63 -5.54 15.85 8.74
N SER B 64 -4.83 16.98 8.82
CA SER B 64 -5.43 18.27 8.66
C SER B 64 -5.69 18.59 7.21
N GLY B 65 -5.16 17.79 6.29
CA GLY B 65 -5.35 18.05 4.88
C GLY B 65 -4.58 19.22 4.33
N ASP B 66 -3.85 19.99 5.15
CA ASP B 66 -3.10 21.15 4.69
C ASP B 66 -1.63 20.78 4.63
N LEU B 67 -1.20 20.50 3.52
CA LEU B 67 0.13 20.02 3.25
C LEU B 67 1.05 21.16 2.82
N PRO B 68 2.32 21.06 3.19
CA PRO B 68 3.29 22.04 2.72
C PRO B 68 3.80 21.63 1.36
N ASP B 69 4.93 22.22 0.96
CA ASP B 69 5.55 21.82 -0.28
C ASP B 69 6.51 20.66 -0.10
N VAL B 70 7.21 20.64 1.04
CA VAL B 70 8.20 19.63 1.39
C VAL B 70 7.92 19.10 2.79
N VAL B 71 8.00 17.78 2.96
CA VAL B 71 7.92 17.17 4.29
C VAL B 71 9.23 16.42 4.55
N GLY B 72 9.79 16.58 5.73
CA GLY B 72 11.04 15.95 6.09
C GLY B 72 11.01 15.51 7.54
N GLY B 73 11.92 14.59 7.88
CA GLY B 73 12.08 14.18 9.26
C GLY B 73 12.68 12.78 9.36
N ASP B 74 12.85 12.35 10.61
CA ASP B 74 13.36 11.01 10.90
C ASP B 74 12.19 10.03 11.00
N ASN B 75 12.49 8.77 10.68
CA ASN B 75 11.53 7.66 10.84
C ASN B 75 10.27 7.85 10.01
N LEU B 76 10.40 8.40 8.81
CA LEU B 76 9.25 8.70 7.96
C LEU B 76 9.13 7.77 6.77
N LYS B 77 10.07 6.83 6.63
CA LYS B 77 10.11 5.98 5.44
C LYS B 77 8.77 5.30 5.19
N ASP B 78 8.23 4.62 6.21
CA ASP B 78 7.03 3.84 6.04
C ASP B 78 5.85 4.71 5.62
N LYS B 79 5.83 5.96 6.07
CA LYS B 79 4.73 6.83 5.76
C LYS B 79 4.95 7.55 4.43
N PHE B 80 6.21 7.82 4.07
CA PHE B 80 6.49 8.30 2.72
C PHE B 80 5.96 7.29 1.72
N ILE B 81 6.17 6.01 2.02
CA ILE B 81 5.76 4.97 1.10
C ILE B 81 4.26 4.82 1.12
N GLN B 82 3.65 4.81 2.31
CA GLN B 82 2.22 4.58 2.41
C GLN B 82 1.42 5.73 1.83
N TYR B 83 1.74 6.96 2.24
CA TYR B 83 1.00 8.13 1.76
C TYR B 83 1.38 8.49 0.34
N GLY B 84 2.57 8.06 -0.09
CA GLY B 84 2.94 8.27 -1.49
C GLY B 84 2.15 7.41 -2.45
N GLN B 85 1.90 6.14 -2.09
CA GLN B 85 1.06 5.30 -2.93
C GLN B 85 -0.38 5.78 -2.97
N GLU B 86 -0.83 6.44 -1.91
CA GLU B 86 -2.18 6.97 -1.83
C GLU B 86 -2.34 8.34 -2.46
N GLY B 87 -1.26 9.01 -2.82
CA GLY B 87 -1.35 10.22 -3.58
C GLY B 87 -0.98 11.49 -2.83
N ALA B 88 -0.54 11.37 -1.59
CA ALA B 88 -0.19 12.57 -0.85
C ALA B 88 1.19 13.08 -1.22
N PHE B 89 2.06 12.21 -1.73
CA PHE B 89 3.35 12.61 -2.25
C PHE B 89 3.43 12.18 -3.70
N VAL B 90 4.33 12.81 -4.45
CA VAL B 90 4.45 12.50 -5.87
C VAL B 90 5.65 11.57 -6.05
N PRO B 91 5.58 10.64 -7.00
CA PRO B 91 6.75 9.83 -7.33
C PRO B 91 7.89 10.69 -7.84
N LEU B 92 9.13 10.27 -7.52
CA LEU B 92 10.30 11.04 -7.88
C LEU B 92 11.13 10.44 -9.00
N ASN B 93 10.75 9.26 -9.52
CA ASN B 93 11.59 8.52 -10.45
C ASN B 93 11.89 9.35 -11.69
N LYS B 94 10.87 9.93 -12.30
CA LYS B 94 11.14 10.68 -13.53
C LYS B 94 11.77 12.04 -13.22
N LEU B 95 11.30 12.72 -12.16
CA LEU B 95 11.95 13.95 -11.71
C LEU B 95 13.46 13.73 -11.50
N ILE B 96 13.83 12.62 -10.88
CA ILE B 96 15.25 12.30 -10.67
C ILE B 96 15.95 12.09 -12.01
N ASP B 97 15.40 11.20 -12.84
CA ASP B 97 16.04 10.85 -14.10
C ASP B 97 16.47 12.07 -14.89
N GLN B 98 15.61 13.10 -14.94
CA GLN B 98 15.80 14.25 -15.82
C GLN B 98 16.47 15.44 -15.17
N TYR B 99 16.32 15.64 -13.86
CA TYR B 99 16.80 16.88 -13.24
C TYR B 99 17.79 16.69 -12.10
N ALA B 100 18.02 15.48 -11.61
CA ALA B 100 18.83 15.27 -10.41
C ALA B 100 20.03 14.39 -10.74
N PRO B 101 21.07 14.96 -11.37
CA PRO B 101 22.21 14.12 -11.76
C PRO B 101 23.01 13.59 -10.59
N HIS B 102 23.25 14.41 -9.55
CA HIS B 102 24.00 13.95 -8.38
C HIS B 102 23.27 12.85 -7.64
N ILE B 103 21.94 12.96 -7.49
CA ILE B 103 21.14 11.91 -6.87
C ILE B 103 21.12 10.67 -7.76
N LYS B 104 21.01 10.86 -9.06
CA LYS B 104 20.98 9.67 -9.89
C LYS B 104 22.39 9.08 -10.07
N ALA B 105 23.42 9.90 -9.92
CA ALA B 105 24.76 9.32 -9.85
C ALA B 105 24.94 8.57 -8.53
N PHE B 106 24.23 8.99 -7.48
CA PHE B 106 24.35 8.27 -6.21
C PHE B 106 23.68 6.92 -6.30
N PHE B 107 22.43 6.89 -6.79
CA PHE B 107 21.65 5.65 -6.82
C PHE B 107 22.26 4.62 -7.74
N LYS B 108 22.97 5.07 -8.77
CA LYS B 108 23.64 4.13 -9.66
C LYS B 108 24.69 3.34 -8.91
N SER B 109 25.55 4.05 -8.18
CA SER B 109 26.65 3.42 -7.49
C SER B 109 26.24 2.88 -6.11
N HIS B 110 24.97 2.99 -5.74
CA HIS B 110 24.47 2.43 -4.49
C HIS B 110 23.17 1.71 -4.73
N PRO B 111 23.19 0.67 -5.58
CA PRO B 111 21.92 0.07 -6.02
C PRO B 111 21.12 -0.35 -4.82
N GLU B 112 21.84 -0.57 -3.69
CA GLU B 112 21.24 -1.24 -2.55
C GLU B 112 20.42 -0.21 -1.72
N VAL B 113 20.78 1.10 -1.79
CA VAL B 113 19.97 2.18 -1.20
C VAL B 113 18.69 2.43 -1.99
N GLU B 114 18.81 2.55 -3.32
CA GLU B 114 17.63 2.83 -4.12
C GLU B 114 16.59 1.74 -3.96
N ARG B 115 17.00 0.48 -3.93
CA ARG B 115 15.95 -0.51 -3.78
C ARG B 115 15.44 -0.60 -2.34
N ALA B 116 16.23 -0.16 -1.35
CA ALA B 116 15.71 -0.17 0.01
C ALA B 116 14.55 0.80 0.18
N ILE B 117 14.57 1.93 -0.54
CA ILE B 117 13.62 3.01 -0.28
C ILE B 117 12.40 2.97 -1.18
N LYS B 118 12.32 2.05 -2.14
CA LYS B 118 11.23 2.09 -3.09
C LYS B 118 9.95 1.55 -2.50
N ALA B 119 8.83 2.07 -2.96
CA ALA B 119 7.54 1.51 -2.58
C ALA B 119 7.24 0.24 -3.38
N PRO B 120 6.25 -0.55 -2.95
CA PRO B 120 5.88 -1.72 -3.75
C PRO B 120 5.48 -1.39 -5.17
N ASP B 121 4.86 -0.21 -5.42
CA ASP B 121 4.52 0.10 -6.82
C ASP B 121 5.74 0.49 -7.64
N GLY B 122 6.95 0.34 -7.12
CA GLY B 122 8.15 0.67 -7.85
C GLY B 122 8.59 2.11 -7.72
N ASN B 123 7.83 2.96 -7.02
CA ASN B 123 8.13 4.38 -7.02
C ASN B 123 9.02 4.79 -5.85
N ILE B 124 9.80 5.85 -6.09
CA ILE B 124 10.62 6.50 -5.07
C ILE B 124 9.87 7.71 -4.56
N TYR B 125 9.50 7.71 -3.29
CA TYR B 125 8.68 8.78 -2.75
C TYR B 125 9.45 9.71 -1.83
N PHE B 126 10.74 9.45 -1.59
CA PHE B 126 11.53 10.39 -0.81
C PHE B 126 13.02 10.23 -1.16
N ILE B 127 13.80 11.25 -0.84
CA ILE B 127 15.27 11.19 -0.95
C ILE B 127 15.81 11.00 0.46
N PRO B 128 16.62 9.97 0.72
CA PRO B 128 16.93 9.61 2.10
C PRO B 128 18.18 10.26 2.70
N TYR B 129 18.27 10.11 4.02
CA TYR B 129 19.47 10.40 4.76
C TYR B 129 20.33 9.17 4.61
N VAL B 130 21.49 9.33 3.96
CA VAL B 130 22.40 8.22 3.71
C VAL B 130 23.56 8.36 4.69
N PRO B 131 23.66 7.50 5.70
CA PRO B 131 24.82 7.57 6.61
C PRO B 131 26.11 7.16 5.91
N ASP B 132 27.23 7.62 6.46
CA ASP B 132 28.57 7.25 6.00
C ASP B 132 29.36 6.77 7.21
N GLY B 133 29.83 5.54 7.17
CA GLY B 133 30.54 4.96 8.28
C GLY B 133 30.22 3.48 8.33
N VAL B 134 30.87 2.79 9.29
CA VAL B 134 30.78 1.35 9.38
C VAL B 134 30.20 0.93 10.73
N VAL B 135 30.86 1.32 11.82
CA VAL B 135 30.34 0.96 13.14
C VAL B 135 29.48 2.10 13.67
N ALA B 136 28.62 1.77 14.63
CA ALA B 136 27.80 2.80 15.27
C ALA B 136 28.14 2.87 16.75
N ARG B 137 27.36 2.26 17.63
CA ARG B 137 27.65 2.36 19.04
C ARG B 137 28.65 1.28 19.45
N GLY B 138 29.23 1.48 20.63
CA GLY B 138 30.03 0.49 21.34
C GLY B 138 29.86 0.72 22.82
N TYR B 139 30.54 -0.10 23.61
CA TYR B 139 30.47 -0.05 25.05
C TYR B 139 31.61 0.79 25.61
N PHE B 140 31.30 1.62 26.61
CA PHE B 140 32.27 2.52 27.24
C PHE B 140 32.09 2.49 28.74
N ILE B 141 33.22 2.47 29.46
CA ILE B 141 33.24 2.35 30.91
C ILE B 141 34.25 3.33 31.52
N ARG B 142 34.01 3.71 32.77
CA ARG B 142 34.88 4.63 33.52
C ARG B 142 36.11 3.88 34.01
N GLU B 143 37.23 4.06 33.30
CA GLU B 143 38.46 3.43 33.73
C GLU B 143 39.00 4.04 35.04
N ASP B 144 38.78 5.34 35.25
CA ASP B 144 39.24 5.93 36.51
C ASP B 144 38.55 5.28 37.70
N TRP B 145 37.27 4.89 37.53
CA TRP B 145 36.57 4.21 38.62
C TRP B 145 37.01 2.75 38.77
N LEU B 146 37.26 2.05 37.67
CA LEU B 146 37.82 0.70 37.78
C LEU B 146 39.16 0.75 38.49
N LYS B 147 39.98 1.75 38.16
CA LYS B 147 41.28 1.89 38.81
C LYS B 147 41.12 2.09 40.31
N LYS B 148 40.23 3.02 40.69
CA LYS B 148 39.93 3.30 42.09
C LYS B 148 39.54 2.04 42.86
N LEU B 149 38.77 1.17 42.22
CA LEU B 149 38.25 -0.03 42.87
C LEU B 149 39.12 -1.25 42.61
N ASN B 150 40.25 -1.06 41.92
CA ASN B 150 41.18 -2.14 41.59
C ASN B 150 40.47 -3.30 40.90
N LEU B 151 39.54 -2.95 40.00
CA LEU B 151 38.86 -3.89 39.12
C LEU B 151 39.45 -3.83 37.70
N LYS B 152 39.40 -4.97 37.02
CA LYS B 152 39.74 -4.99 35.60
C LYS B 152 38.49 -4.74 34.76
N PRO B 153 38.65 -4.39 33.48
CA PRO B 153 37.46 -4.22 32.63
C PRO B 153 36.68 -5.51 32.57
N PRO B 154 35.35 -5.43 32.76
CA PRO B 154 34.53 -6.63 32.79
C PRO B 154 34.56 -7.36 31.46
N GLN B 155 34.82 -8.66 31.50
CA GLN B 155 34.95 -9.41 30.27
C GLN B 155 33.74 -10.27 29.93
N ASN B 156 32.85 -10.48 30.88
CA ASN B 156 31.61 -11.16 30.60
C ASN B 156 30.53 -10.52 31.44
N ILE B 157 29.30 -11.01 31.23
CA ILE B 157 28.13 -10.46 31.92
C ILE B 157 28.25 -10.67 33.43
N ASP B 158 28.86 -11.78 33.86
CA ASP B 158 29.04 -11.99 35.30
C ASP B 158 29.91 -10.90 35.91
N GLU B 159 31.01 -10.57 35.24
CA GLU B 159 31.87 -9.50 35.73
C GLU B 159 31.27 -8.13 35.52
N LEU B 160 30.53 -7.94 34.42
CA LEU B 160 29.83 -6.67 34.21
C LEU B 160 28.91 -6.38 35.38
N TYR B 161 28.14 -7.39 35.82
CA TYR B 161 27.28 -7.23 36.98
C TYR B 161 28.09 -6.82 38.21
N THR B 162 29.17 -7.55 38.49
CA THR B 162 29.97 -7.26 39.67
C THR B 162 30.50 -5.84 39.62
N VAL B 163 31.06 -5.46 38.48
CA VAL B 163 31.62 -4.12 38.32
C VAL B 163 30.56 -3.06 38.57
N LEU B 164 29.40 -3.20 37.91
CA LEU B 164 28.34 -2.21 38.08
C LEU B 164 27.88 -2.12 39.52
N LYS B 165 27.79 -3.27 40.19
CA LYS B 165 27.44 -3.28 41.62
C LYS B 165 28.49 -2.55 42.43
N ALA B 166 29.75 -2.69 42.04
CA ALA B 166 30.82 -1.96 42.70
C ALA B 166 30.68 -0.46 42.47
N PHE B 167 30.44 -0.04 41.22
CA PHE B 167 30.20 1.37 40.94
C PHE B 167 29.10 1.90 41.84
N LYS B 168 28.07 1.09 42.06
CA LYS B 168 26.92 1.57 42.80
C LYS B 168 27.23 1.67 44.28
N GLU B 169 27.85 0.63 44.86
CA GLU B 169 27.89 0.45 46.30
C GLU B 169 29.15 0.99 46.98
N LYS B 170 30.23 1.29 46.25
CA LYS B 170 31.50 1.58 46.91
C LYS B 170 32.08 2.94 46.53
N ASP B 171 31.21 3.90 46.24
CA ASP B 171 31.54 5.32 46.21
C ASP B 171 32.79 5.66 45.39
N PRO B 172 32.83 5.29 44.09
CA PRO B 172 34.00 5.61 43.29
C PRO B 172 34.22 7.10 43.07
N ASN B 173 33.20 7.94 43.22
CA ASN B 173 33.45 9.37 43.18
C ASN B 173 33.83 9.92 44.55
N GLY B 174 33.97 9.04 45.55
CA GLY B 174 34.47 9.35 46.88
C GLY B 174 33.84 10.55 47.55
N ASN B 175 32.56 10.45 47.91
CA ASN B 175 31.92 11.51 48.66
C ASN B 175 30.99 10.97 49.74
N GLY B 176 31.11 9.69 50.07
CA GLY B 176 30.25 9.07 51.06
C GLY B 176 28.80 8.93 50.66
N LYS B 177 28.39 9.47 49.52
CA LYS B 177 27.00 9.43 49.10
C LYS B 177 26.77 8.35 48.05
N ALA B 178 25.64 7.67 48.13
CA ALA B 178 25.29 6.66 47.11
C ALA B 178 24.60 7.34 45.93
N ASP B 179 25.35 8.21 45.28
CA ASP B 179 24.84 8.94 44.13
C ASP B 179 25.22 8.31 42.80
N GLU B 180 26.13 7.32 42.78
CA GLU B 180 26.56 6.79 41.50
C GLU B 180 25.45 5.98 40.84
N VAL B 181 25.29 6.21 39.54
CA VAL B 181 24.32 5.53 38.71
C VAL B 181 25.12 4.73 37.68
N PRO B 182 25.30 3.42 37.90
CA PRO B 182 26.17 2.61 37.05
C PRO B 182 25.92 2.77 35.55
N PHE B 183 24.68 2.55 35.09
CA PHE B 183 24.38 2.57 33.66
C PHE B 183 23.52 3.78 33.33
N ILE B 184 23.97 4.58 32.36
CA ILE B 184 23.16 5.68 31.83
C ILE B 184 23.16 5.62 30.29
N ASP B 185 22.13 6.21 29.69
CA ASP B 185 22.11 6.26 28.23
C ASP B 185 21.21 7.38 27.76
N ARG B 186 21.68 8.15 26.77
CA ARG B 186 20.84 9.19 26.23
C ARG B 186 19.73 8.63 25.33
N HIS B 187 19.72 7.32 25.07
CA HIS B 187 18.68 6.65 24.29
C HIS B 187 18.04 5.61 25.18
N PRO B 188 16.81 5.84 25.64
CA PRO B 188 16.15 4.86 26.53
C PRO B 188 16.14 3.46 25.93
N ASP B 189 16.04 3.37 24.62
CA ASP B 189 15.92 2.06 24.02
C ASP B 189 17.15 1.20 24.29
N GLU B 190 18.30 1.81 24.65
CA GLU B 190 19.48 1.00 24.95
C GLU B 190 19.24 0.13 26.18
N VAL B 191 18.26 0.48 27.01
CA VAL B 191 18.00 -0.37 28.17
C VAL B 191 17.48 -1.71 27.70
N PHE B 192 16.73 -1.74 26.59
CA PHE B 192 16.27 -3.03 26.09
C PHE B 192 17.38 -3.81 25.41
N ARG B 193 18.31 -3.14 24.71
CA ARG B 193 19.45 -3.82 24.13
C ARG B 193 20.33 -4.49 25.19
N LEU B 194 20.11 -4.18 26.47
CA LEU B 194 20.84 -4.89 27.51
C LEU B 194 20.54 -6.39 27.51
N VAL B 195 19.41 -6.82 26.94
CA VAL B 195 19.14 -8.26 26.88
C VAL B 195 20.16 -9.01 26.01
N ASN B 196 20.93 -8.30 25.17
CA ASN B 196 22.01 -8.96 24.44
C ASN B 196 22.89 -9.75 25.39
N PHE B 197 23.05 -9.27 26.62
CA PHE B 197 24.01 -9.94 27.51
C PHE B 197 23.50 -11.29 28.03
N TRP B 198 22.22 -11.61 27.83
CA TRP B 198 21.69 -12.94 28.10
C TRP B 198 21.32 -13.67 26.82
N GLY B 199 21.99 -13.32 25.74
CA GLY B 199 21.86 -14.04 24.49
C GLY B 199 20.58 -13.80 23.73
N ALA B 200 19.90 -12.67 23.96
CA ALA B 200 18.66 -12.32 23.26
C ALA B 200 18.87 -11.11 22.39
N ARG B 201 18.38 -11.16 21.16
CA ARG B 201 18.37 -9.97 20.34
C ARG B 201 17.30 -9.01 20.85
N SER B 202 17.59 -7.70 20.74
CA SER B 202 16.61 -6.64 20.92
C SER B 202 16.16 -6.00 19.61
N SER B 203 16.98 -6.10 18.56
CA SER B 203 16.68 -5.46 17.29
C SER B 203 17.59 -6.04 16.22
N GLY B 204 17.07 -6.08 15.01
CA GLY B 204 17.83 -6.44 13.84
C GLY B 204 18.69 -5.34 13.26
N SER B 205 18.67 -4.12 13.77
CA SER B 205 19.39 -3.05 13.07
C SER B 205 19.61 -1.87 14.01
N ASP B 206 20.29 -0.84 13.49
CA ASP B 206 20.46 0.43 14.19
C ASP B 206 19.11 1.12 14.47
N ASN B 207 18.03 0.63 13.88
CA ASN B 207 16.69 1.10 14.25
C ASN B 207 16.22 0.21 15.38
N TYR B 208 15.74 0.82 16.46
CA TYR B 208 15.32 0.07 17.62
C TYR B 208 14.08 -0.75 17.30
N MET B 209 13.96 -1.91 17.97
CA MET B 209 12.82 -2.81 17.84
C MET B 209 12.60 -3.28 16.40
N ASP B 210 13.67 -3.45 15.63
CA ASP B 210 13.55 -3.87 14.24
C ASP B 210 13.54 -5.39 14.13
N PHE B 211 12.96 -5.87 13.03
CA PHE B 211 12.92 -7.30 12.78
C PHE B 211 14.33 -7.83 12.48
N TYR B 212 14.48 -9.14 12.50
CA TYR B 212 15.72 -9.72 12.00
C TYR B 212 15.45 -11.06 11.36
N ILE B 213 16.48 -11.62 10.72
CA ILE B 213 16.47 -12.91 10.08
C ILE B 213 17.26 -13.86 10.96
N ASP B 214 16.70 -15.03 11.25
CA ASP B 214 17.37 -16.09 11.98
C ASP B 214 17.09 -17.38 11.22
N ASN B 215 18.13 -17.94 10.61
CA ASN B 215 18.00 -19.24 9.96
C ASN B 215 16.96 -19.18 8.83
N GLY B 216 17.09 -18.21 7.93
CA GLY B 216 16.08 -18.02 6.90
C GLY B 216 14.67 -17.67 7.35
N ARG B 217 14.49 -17.33 8.62
CA ARG B 217 13.17 -17.01 9.15
CA ARG B 217 13.17 -17.01 9.14
C ARG B 217 13.15 -15.58 9.64
N VAL B 218 12.14 -14.82 9.21
CA VAL B 218 11.91 -13.49 9.75
C VAL B 218 11.30 -13.63 11.13
N LYS B 219 11.84 -12.90 12.08
CA LYS B 219 11.40 -12.96 13.44
C LYS B 219 11.41 -11.55 13.96
N HIS B 220 10.61 -11.31 14.99
CA HIS B 220 10.74 -10.09 15.76
C HIS B 220 11.36 -10.44 17.10
N PRO B 221 12.45 -9.78 17.49
CA PRO B 221 13.17 -10.19 18.70
C PRO B 221 12.31 -10.13 19.94
N TRP B 222 11.39 -9.17 20.00
CA TRP B 222 10.61 -9.00 21.22
C TRP B 222 9.53 -10.04 21.35
N ALA B 223 9.37 -10.94 20.38
CA ALA B 223 8.36 -11.99 20.42
C ALA B 223 8.94 -13.35 20.80
N GLU B 224 10.24 -13.49 20.85
CA GLU B 224 10.91 -14.73 21.17
C GLU B 224 11.05 -14.91 22.68
N THR B 225 11.06 -16.18 23.11
CA THR B 225 11.23 -16.46 24.53
C THR B 225 12.61 -16.06 25.06
N ALA B 226 13.62 -15.92 24.22
CA ALA B 226 14.89 -15.42 24.76
C ALA B 226 14.73 -14.03 25.32
N PHE B 227 13.82 -13.24 24.74
CA PHE B 227 13.61 -11.89 25.21
C PHE B 227 12.95 -11.90 26.58
N ARG B 228 12.01 -12.83 26.79
CA ARG B 228 11.36 -12.95 28.09
C ARG B 228 12.39 -13.15 29.18
N ASP B 229 13.27 -14.12 29.01
CA ASP B 229 14.25 -14.43 30.04
C ASP B 229 15.24 -13.29 30.21
N GLY B 230 15.48 -12.49 29.17
CA GLY B 230 16.43 -11.41 29.32
C GLY B 230 15.86 -10.23 30.07
N MET B 231 14.59 -9.93 29.86
CA MET B 231 13.98 -8.82 30.59
C MET B 231 13.93 -9.05 32.10
N LYS B 232 13.87 -10.30 32.55
CA LYS B 232 13.96 -10.58 33.99
C LYS B 232 15.22 -10.01 34.60
N HIS B 233 16.38 -10.25 33.98
CA HIS B 233 17.62 -9.69 34.49
C HIS B 233 17.60 -8.17 34.35
N VAL B 234 17.06 -7.67 33.24
CA VAL B 234 17.03 -6.24 33.07
C VAL B 234 16.17 -5.61 34.15
N ALA B 235 15.01 -6.21 34.43
CA ALA B 235 14.14 -5.66 35.46
C ALA B 235 14.82 -5.69 36.82
N GLN B 236 15.61 -6.74 37.06
CA GLN B 236 16.29 -6.86 38.35
C GLN B 236 17.41 -5.84 38.48
N TRP B 237 18.15 -5.60 37.38
CA TRP B 237 19.15 -4.53 37.39
C TRP B 237 18.51 -3.19 37.67
N TYR B 238 17.32 -2.93 37.12
CA TYR B 238 16.63 -1.68 37.44
C TYR B 238 16.24 -1.66 38.92
N LYS B 239 15.70 -2.78 39.41
CA LYS B 239 15.28 -2.84 40.80
C LYS B 239 16.45 -2.59 41.74
N GLU B 240 17.65 -3.01 41.35
CA GLU B 240 18.82 -2.84 42.19
C GLU B 240 19.49 -1.48 41.99
N GLY B 241 18.93 -0.60 41.18
CA GLY B 241 19.50 0.70 40.92
C GLY B 241 20.73 0.72 40.02
N LEU B 242 21.04 -0.40 39.35
CA LEU B 242 22.11 -0.38 38.36
C LEU B 242 21.75 0.45 37.12
N ILE B 243 20.50 0.41 36.70
CA ILE B 243 20.04 1.23 35.58
C ILE B 243 19.45 2.54 36.11
N ASP B 244 19.82 3.65 35.49
CA ASP B 244 19.27 4.99 35.73
C ASP B 244 17.75 4.96 35.90
N LYS B 245 17.29 5.44 37.05
CA LYS B 245 15.86 5.47 37.30
C LYS B 245 15.13 6.21 36.20
N GLU B 246 15.70 7.32 35.73
CA GLU B 246 15.04 8.14 34.72
C GLU B 246 15.44 7.77 33.31
N ILE B 247 15.82 6.51 33.09
CA ILE B 247 16.34 6.07 31.80
C ILE B 247 15.33 6.31 30.69
N PHE B 248 14.05 6.29 31.01
CA PHE B 248 13.07 6.52 29.96
C PHE B 248 12.80 8.00 29.68
N THR B 249 13.21 8.92 30.57
CA THR B 249 12.86 10.34 30.44
C THR B 249 14.06 11.29 30.35
N ARG B 250 15.27 10.89 30.75
CA ARG B 250 16.39 11.82 30.72
C ARG B 250 16.75 12.24 29.29
N LYS B 251 16.98 11.26 28.41
CA LYS B 251 17.07 11.48 26.96
C LYS B 251 18.28 12.34 26.63
N ALA B 252 18.12 13.43 25.85
CA ALA B 252 19.16 13.97 24.98
C ALA B 252 20.48 14.28 25.70
N LYS B 253 20.41 14.88 26.88
CA LYS B 253 21.63 15.32 27.54
C LYS B 253 22.03 14.41 28.71
N ALA B 254 21.68 13.12 28.62
CA ALA B 254 22.04 12.18 29.66
C ALA B 254 23.55 12.16 29.89
N ARG B 255 24.33 12.24 28.80
CA ARG B 255 25.79 12.20 28.94
C ARG B 255 26.30 13.45 29.65
N GLU B 256 25.86 14.63 29.20
CA GLU B 256 26.32 15.86 29.85
C GLU B 256 25.94 15.88 31.33
N GLN B 257 24.73 15.39 31.64
CA GLN B 257 24.26 15.38 33.01
C GLN B 257 25.00 14.34 33.84
N MET B 258 24.97 13.07 33.41
CA MET B 258 25.45 12.00 34.29
C MET B 258 26.97 11.85 34.27
N PHE B 259 27.62 12.09 33.14
CA PHE B 259 29.08 12.15 33.14
C PHE B 259 29.57 13.47 33.71
N GLY B 260 28.98 14.59 33.26
CA GLY B 260 29.37 15.90 33.75
C GLY B 260 29.19 16.06 35.25
N GLY B 261 28.22 15.36 35.82
CA GLY B 261 27.99 15.37 37.24
C GLY B 261 28.74 14.29 37.97
N ASN B 262 29.56 13.52 37.25
CA ASN B 262 30.36 12.46 37.85
C ASN B 262 29.48 11.41 38.53
N LEU B 263 28.42 11.00 37.84
CA LEU B 263 27.50 9.99 38.34
C LEU B 263 27.52 8.68 37.55
N GLY B 264 27.67 8.75 36.23
CA GLY B 264 27.57 7.56 35.39
C GLY B 264 28.88 6.81 35.25
N GLY B 265 28.75 5.50 35.04
CA GLY B 265 29.93 4.65 34.97
C GLY B 265 30.07 3.86 33.68
N PHE B 266 28.97 3.72 32.93
CA PHE B 266 28.91 2.73 31.87
C PHE B 266 27.80 3.08 30.90
N THR B 267 28.09 3.01 29.60
CA THR B 267 27.06 3.32 28.62
C THR B 267 27.34 2.58 27.31
N HIS B 268 26.32 2.59 26.45
CA HIS B 268 26.41 2.06 25.09
C HIS B 268 25.98 3.17 24.14
N ASP B 269 26.94 3.75 23.43
CA ASP B 269 26.70 4.94 22.63
C ASP B 269 27.73 5.01 21.52
N TRP B 270 27.70 6.08 20.74
CA TRP B 270 28.55 6.18 19.55
C TRP B 270 30.01 6.53 19.91
N PHE B 271 30.93 5.98 19.12
CA PHE B 271 32.35 6.14 19.45
C PHE B 271 32.75 7.61 19.45
N ALA B 272 32.44 8.34 18.37
CA ALA B 272 32.98 9.69 18.23
C ALA B 272 32.54 10.60 19.37
N SER B 273 31.23 10.78 19.58
CA SER B 273 30.79 11.77 20.58
C SER B 273 31.04 11.30 22.01
N THR B 274 30.81 10.03 22.30
CA THR B 274 30.98 9.61 23.68
C THR B 274 32.44 9.80 24.12
N MET B 275 33.39 9.59 23.22
CA MET B 275 34.79 9.77 23.58
C MET B 275 35.20 11.23 23.64
N THR B 276 34.37 12.17 23.15
CA THR B 276 34.74 13.57 23.32
C THR B 276 34.65 14.02 24.78
N PHE B 277 33.90 13.30 25.62
CA PHE B 277 33.74 13.73 27.00
C PHE B 277 35.03 13.59 27.80
N ASN B 278 36.02 12.87 27.28
CA ASN B 278 37.31 12.77 27.97
C ASN B 278 37.93 14.15 28.12
N GLU B 279 37.99 14.91 27.02
CA GLU B 279 38.58 16.24 27.12
C GLU B 279 37.56 17.25 27.64
N GLY B 280 36.28 17.09 27.29
CA GLY B 280 35.28 18.08 27.67
C GLY B 280 35.05 18.17 29.16
N LEU B 281 35.27 17.08 29.89
CA LEU B 281 35.11 17.06 31.34
C LEU B 281 36.46 17.13 32.06
N ALA B 282 37.53 17.49 31.35
CA ALA B 282 38.87 17.45 31.93
C ALA B 282 39.00 18.40 33.11
N LYS B 283 38.39 19.58 33.02
CA LYS B 283 38.51 20.55 34.11
C LYS B 283 37.44 20.35 35.17
N THR B 284 36.23 19.98 34.76
CA THR B 284 35.12 19.95 35.69
C THR B 284 35.10 18.69 36.53
N VAL B 285 35.54 17.57 35.96
CA VAL B 285 35.54 16.30 36.68
C VAL B 285 36.97 15.74 36.67
N PRO B 286 37.74 15.96 37.73
CA PRO B 286 39.16 15.56 37.72
C PRO B 286 39.34 14.06 37.50
N GLY B 287 40.13 13.71 36.48
CA GLY B 287 40.49 12.32 36.24
C GLY B 287 39.52 11.50 35.43
N PHE B 288 38.51 12.13 34.83
CA PHE B 288 37.49 11.41 34.05
C PHE B 288 38.11 10.69 32.86
N LYS B 289 37.87 9.38 32.76
CA LYS B 289 38.45 8.62 31.66
C LYS B 289 37.52 7.50 31.25
N LEU B 290 36.87 7.68 30.10
CA LEU B 290 36.06 6.64 29.49
C LEU B 290 36.90 5.87 28.47
N ILE B 291 36.81 4.56 28.52
CA ILE B 291 37.52 3.72 27.57
C ILE B 291 36.52 2.87 26.81
N PRO B 292 36.73 2.63 25.52
CA PRO B 292 36.02 1.54 24.85
C PRO B 292 36.43 0.19 25.42
N ILE B 293 35.51 -0.77 25.37
CA ILE B 293 35.78 -2.16 25.75
C ILE B 293 35.03 -3.07 24.78
N ALA B 294 35.63 -4.22 24.50
CA ALA B 294 34.89 -5.25 23.79
C ALA B 294 33.60 -5.58 24.52
N PRO B 295 32.54 -5.89 23.78
CA PRO B 295 31.31 -6.36 24.41
C PRO B 295 31.61 -7.50 25.36
N PRO B 296 31.27 -7.36 26.65
CA PRO B 296 31.47 -8.48 27.57
C PRO B 296 30.67 -9.70 27.10
N THR B 297 31.37 -10.83 27.06
CA THR B 297 30.79 -12.09 26.61
C THR B 297 29.45 -12.35 27.28
N ASN B 298 28.43 -12.60 26.46
CA ASN B 298 27.13 -12.82 27.05
C ASN B 298 27.08 -14.21 27.65
N SER B 299 25.97 -14.47 28.36
CA SER B 299 25.77 -15.73 29.07
C SER B 299 25.83 -16.92 28.12
N LYS B 300 25.58 -16.71 26.84
CA LYS B 300 25.65 -17.83 25.91
C LYS B 300 27.03 -17.99 25.29
N GLY B 301 27.98 -17.13 25.66
CA GLY B 301 29.33 -17.27 25.18
C GLY B 301 29.68 -16.49 23.93
N GLN B 302 28.86 -15.51 23.54
CA GLN B 302 29.13 -14.66 22.38
C GLN B 302 29.39 -13.21 22.81
N ARG B 303 30.22 -12.51 22.04
CA ARG B 303 30.45 -11.08 22.24
C ARG B 303 29.64 -10.31 21.18
N TRP B 304 28.56 -9.65 21.60
CA TRP B 304 27.63 -9.02 20.67
C TRP B 304 27.81 -7.50 20.65
N GLU B 305 28.00 -6.95 19.46
CA GLU B 305 27.69 -5.54 19.20
C GLU B 305 26.55 -5.55 18.18
N GLU B 306 25.31 -5.29 18.66
CA GLU B 306 24.13 -5.39 17.82
C GLU B 306 23.98 -4.20 16.90
N ASP B 307 24.56 -3.06 17.25
CA ASP B 307 24.42 -1.84 16.47
C ASP B 307 25.43 -1.80 15.32
N SER B 308 25.04 -1.14 14.22
CA SER B 308 25.89 -0.97 13.04
C SER B 308 25.42 0.26 12.27
N ARG B 309 26.34 0.86 11.53
CA ARG B 309 25.94 1.94 10.63
C ARG B 309 25.02 1.40 9.55
N GLN B 310 23.86 2.05 9.38
CA GLN B 310 22.94 1.70 8.32
C GLN B 310 23.49 2.15 6.97
N LYS B 311 23.15 1.38 5.94
CA LYS B 311 23.39 1.84 4.58
C LYS B 311 22.53 3.06 4.27
N VAL B 312 21.28 3.02 4.71
CA VAL B 312 20.33 4.12 4.51
C VAL B 312 19.38 4.13 5.70
N ARG B 313 19.17 5.32 6.28
CA ARG B 313 18.27 5.48 7.40
C ARG B 313 16.85 5.74 6.94
N PRO B 314 15.84 5.42 7.79
CA PRO B 314 14.44 5.62 7.35
C PRO B 314 14.01 7.07 7.48
N ASP B 315 14.87 7.99 7.02
CA ASP B 315 14.67 9.43 7.14
C ASP B 315 14.88 10.10 5.78
N GLY B 316 14.38 11.34 5.68
CA GLY B 316 14.64 12.16 4.50
C GLY B 316 13.48 13.12 4.25
N TRP B 317 13.28 13.50 3.00
CA TRP B 317 12.24 14.50 2.79
C TRP B 317 11.57 14.28 1.45
N ALA B 318 10.33 14.76 1.33
CA ALA B 318 9.52 14.39 0.18
C ALA B 318 8.85 15.61 -0.43
N ILE B 319 8.41 15.46 -1.68
CA ILE B 319 7.67 16.51 -2.41
C ILE B 319 6.17 16.20 -2.38
N THR B 320 5.39 17.08 -1.79
CA THR B 320 3.95 16.84 -1.68
C THR B 320 3.25 17.11 -3.01
N VAL B 321 1.98 16.67 -3.09
CA VAL B 321 1.10 17.07 -4.19
C VAL B 321 0.93 18.57 -4.27
N LYS B 322 0.93 19.25 -3.13
CA LYS B 322 0.69 20.68 -3.12
C LYS B 322 1.84 21.48 -3.69
N ASN B 323 3.00 20.85 -3.89
CA ASN B 323 4.17 21.55 -4.41
C ASN B 323 3.92 21.94 -5.86
N LYS B 324 3.91 23.24 -6.14
CA LYS B 324 3.74 23.71 -7.51
C LYS B 324 5.07 23.99 -8.20
N ASN B 325 6.17 23.61 -7.60
CA ASN B 325 7.48 23.72 -8.26
C ASN B 325 8.24 22.41 -8.12
N PRO B 326 7.67 21.30 -8.61
CA PRO B 326 8.34 20.00 -8.40
C PRO B 326 9.70 19.94 -9.05
N VAL B 327 9.83 20.48 -10.26
CA VAL B 327 11.10 20.39 -10.98
C VAL B 327 12.20 21.15 -10.25
N GLU B 328 11.91 22.38 -9.79
CA GLU B 328 12.92 23.10 -9.05
C GLU B 328 13.12 22.53 -7.64
N THR B 329 12.09 21.92 -7.06
CA THR B 329 12.28 21.28 -5.75
C THR B 329 13.28 20.14 -5.84
N ILE B 330 13.17 19.30 -6.88
CA ILE B 330 14.09 18.18 -7.01
C ILE B 330 15.53 18.68 -7.21
N LYS B 331 15.73 19.77 -7.94
CA LYS B 331 17.06 20.34 -8.07
C LYS B 331 17.61 20.79 -6.73
N PHE B 332 16.76 21.37 -5.90
CA PHE B 332 17.14 21.68 -4.52
C PHE B 332 17.57 20.42 -3.79
N PHE B 333 16.82 19.33 -3.99
CA PHE B 333 17.16 18.05 -3.37
C PHE B 333 18.51 17.56 -3.83
N ASP B 334 18.76 17.65 -5.15
CA ASP B 334 20.01 17.15 -5.70
C ASP B 334 21.22 17.89 -5.10
N PHE B 335 21.06 19.19 -4.84
CA PHE B 335 22.16 19.99 -4.30
C PHE B 335 22.84 19.30 -3.12
N TYR B 336 22.06 18.74 -2.21
CA TYR B 336 22.64 18.12 -1.02
C TYR B 336 23.35 16.80 -1.32
N PHE B 337 23.35 16.35 -2.57
CA PHE B 337 24.14 15.20 -3.00
C PHE B 337 25.33 15.63 -3.84
N SER B 338 25.55 16.94 -3.95
CA SER B 338 26.69 17.51 -4.65
C SER B 338 27.73 17.90 -3.63
N ARG B 339 29.00 17.90 -4.07
CA ARG B 339 30.10 18.24 -3.17
C ARG B 339 29.90 19.54 -2.40
N PRO B 340 29.42 20.64 -3.02
CA PRO B 340 29.17 21.83 -2.20
C PRO B 340 27.97 21.68 -1.28
N GLY B 341 26.99 20.87 -1.67
CA GLY B 341 25.87 20.63 -0.79
C GLY B 341 26.25 19.73 0.37
N ARG B 342 26.99 18.67 0.09
CA ARG B 342 27.56 17.88 1.19
C ARG B 342 28.40 18.75 2.11
N ASP B 343 29.07 19.76 1.56
CA ASP B 343 29.97 20.58 2.37
C ASP B 343 29.20 21.32 3.46
N ILE B 344 28.09 21.97 3.08
CA ILE B 344 27.40 22.74 4.10
C ILE B 344 26.58 21.84 5.00
N SER B 345 26.07 20.72 4.47
CA SER B 345 25.22 19.86 5.28
C SER B 345 26.02 18.99 6.22
N ASN B 346 27.33 18.85 6.00
CA ASN B 346 28.20 18.08 6.86
C ASN B 346 29.10 18.92 7.75
N PHE B 347 29.43 20.15 7.33
CA PHE B 347 30.43 20.95 8.02
C PHE B 347 29.93 22.30 8.52
N GLY B 348 28.79 22.78 8.05
CA GLY B 348 28.22 24.02 8.54
C GLY B 348 28.38 25.16 7.54
N VAL B 349 28.97 26.26 7.99
CA VAL B 349 29.11 27.48 7.18
C VAL B 349 30.59 27.78 6.99
N PRO B 350 31.07 27.94 5.75
CA PRO B 350 32.48 28.31 5.54
C PRO B 350 32.83 29.62 6.23
N GLY B 351 34.08 29.73 6.66
CA GLY B 351 34.54 30.88 7.40
C GLY B 351 33.96 31.03 8.80
N VAL B 352 33.13 30.07 9.24
CA VAL B 352 32.51 30.11 10.55
C VAL B 352 32.84 28.86 11.36
N THR B 353 32.62 27.68 10.78
CA THR B 353 32.93 26.42 11.41
C THR B 353 33.96 25.63 10.65
N TYR B 354 34.14 25.90 9.36
CA TYR B 354 35.15 25.22 8.58
C TYR B 354 35.65 26.14 7.49
N ASP B 355 36.80 25.78 6.92
CA ASP B 355 37.35 26.38 5.70
C ASP B 355 37.83 25.23 4.81
N ILE B 356 38.08 25.51 3.54
CA ILE B 356 38.54 24.47 2.63
C ILE B 356 40.07 24.48 2.63
N LYS B 357 40.67 23.48 3.28
CA LYS B 357 42.11 23.32 3.38
C LYS B 357 42.53 22.16 2.51
N ASN B 358 43.53 22.38 1.67
CA ASN B 358 44.03 21.39 0.72
C ASN B 358 42.89 20.65 0.01
N GLY B 359 41.93 21.45 -0.48
CA GLY B 359 40.92 20.92 -1.36
C GLY B 359 39.83 20.11 -0.69
N LYS B 360 39.53 20.40 0.58
CA LYS B 360 38.45 19.71 1.29
C LYS B 360 38.10 20.53 2.52
N ALA B 361 36.88 20.31 3.01
CA ALA B 361 36.37 21.08 4.12
C ALA B 361 37.08 20.66 5.40
N VAL B 362 37.62 21.64 6.13
CA VAL B 362 38.35 21.41 7.37
C VAL B 362 37.79 22.33 8.45
N PHE B 363 37.36 21.75 9.57
CA PHE B 363 36.84 22.54 10.66
C PHE B 363 37.91 23.46 11.23
N LYS B 364 37.49 24.59 11.76
CA LYS B 364 38.39 25.49 12.46
C LYS B 364 38.91 24.83 13.74
N ASP B 365 39.80 25.52 14.42
CA ASP B 365 40.30 25.02 15.69
C ASP B 365 39.37 25.38 16.85
N SER B 366 38.61 26.47 16.74
CA SER B 366 37.59 26.74 17.75
C SER B 366 36.59 25.59 17.83
N VAL B 367 36.32 24.93 16.70
CA VAL B 367 35.40 23.80 16.66
C VAL B 367 36.07 22.53 17.18
N LEU B 368 37.32 22.29 16.79
CA LEU B 368 38.05 21.08 17.18
C LEU B 368 38.56 21.13 18.60
N LYS B 369 38.58 22.31 19.22
CA LYS B 369 38.90 22.43 20.64
C LYS B 369 37.66 22.46 21.54
N SER B 370 36.48 22.55 20.96
CA SER B 370 35.30 22.84 21.75
C SER B 370 34.90 21.63 22.60
N PRO B 371 34.48 21.86 23.84
CA PRO B 371 34.03 20.74 24.70
C PRO B 371 32.69 20.12 24.28
N GLN B 372 31.92 20.76 23.39
CA GLN B 372 30.70 20.19 22.82
C GLN B 372 31.05 19.26 21.66
N PRO B 373 30.47 18.05 21.59
CA PRO B 373 30.72 17.19 20.42
C PRO B 373 30.39 17.92 19.14
N VAL B 374 31.15 17.64 18.06
CA VAL B 374 31.00 18.42 16.84
C VAL B 374 29.60 18.29 16.26
N ASN B 375 29.03 17.08 16.26
CA ASN B 375 27.69 16.97 15.71
C ASN B 375 26.67 17.73 16.58
N ASN B 376 26.89 17.82 17.90
CA ASN B 376 26.02 18.64 18.75
C ASN B 376 26.12 20.12 18.40
N GLN B 377 27.31 20.61 18.07
CA GLN B 377 27.41 22.00 17.66
C GLN B 377 26.84 22.22 16.26
N LEU B 378 26.90 21.21 15.39
CA LEU B 378 26.35 21.36 14.04
C LEU B 378 24.82 21.35 14.04
N TYR B 379 24.21 20.56 14.92
CA TYR B 379 22.76 20.59 15.05
C TYR B 379 22.28 22.01 15.34
N ASP B 380 23.01 22.74 16.19
CA ASP B 380 22.58 24.05 16.66
C ASP B 380 22.55 25.08 15.53
N MET B 381 23.10 24.77 14.37
CA MET B 381 23.11 25.67 13.23
C MET B 381 22.54 25.06 11.97
N GLY B 382 22.07 23.82 12.03
CA GLY B 382 21.36 23.23 10.92
C GLY B 382 22.13 22.30 10.02
N ALA B 383 23.20 21.67 10.52
CA ALA B 383 23.96 20.70 9.75
C ALA B 383 23.85 19.33 10.42
N GLN B 384 24.17 18.28 9.66
CA GLN B 384 23.99 16.89 10.09
C GLN B 384 22.54 16.59 10.50
N ILE B 385 21.57 17.26 9.87
CA ILE B 385 20.14 17.03 10.15
C ILE B 385 19.55 16.03 9.15
N PRO B 386 18.46 15.31 9.51
CA PRO B 386 17.94 14.22 8.69
C PRO B 386 17.07 14.65 7.51
N ILE B 387 17.55 15.65 6.78
CA ILE B 387 17.03 15.95 5.46
C ILE B 387 17.53 14.86 4.52
N GLY B 388 17.17 14.96 3.25
CA GLY B 388 17.75 14.08 2.25
C GLY B 388 19.15 14.56 1.94
N PHE B 389 20.19 13.87 2.44
CA PHE B 389 21.55 14.34 2.23
C PHE B 389 22.54 13.19 2.40
N TRP B 390 23.71 13.35 1.79
CA TRP B 390 24.73 12.30 1.72
C TRP B 390 25.83 12.62 2.72
N GLN B 391 25.80 11.93 3.87
CA GLN B 391 26.78 12.16 4.91
C GLN B 391 28.17 11.78 4.42
N ASP B 392 29.15 12.50 4.92
CA ASP B 392 30.55 12.37 4.49
C ASP B 392 31.36 12.02 5.72
N TYR B 393 31.72 10.75 5.86
CA TYR B 393 32.42 10.30 7.08
C TYR B 393 33.67 11.11 7.37
N ASP B 394 34.29 11.73 6.37
CA ASP B 394 35.50 12.48 6.69
C ASP B 394 35.22 13.61 7.66
N TYR B 395 34.00 14.16 7.65
CA TYR B 395 33.61 15.09 8.70
C TYR B 395 33.76 14.45 10.07
N GLU B 396 33.46 13.17 10.16
CA GLU B 396 33.44 12.52 11.45
C GLU B 396 34.86 12.12 11.87
N ARG B 397 35.62 11.60 10.92
CA ARG B 397 37.03 11.24 11.14
C ARG B 397 37.77 12.38 11.80
N GLN B 398 37.45 13.62 11.42
CA GLN B 398 38.22 14.77 11.90
C GLN B 398 38.04 15.03 13.38
N TRP B 399 36.91 14.64 13.97
CA TRP B 399 36.76 14.80 15.40
C TRP B 399 36.64 13.46 16.11
N THR B 400 37.01 12.38 15.44
CA THR B 400 37.22 11.09 16.09
C THR B 400 38.63 11.05 16.68
N THR B 401 38.73 11.02 18.00
CA THR B 401 40.04 11.08 18.64
C THR B 401 40.85 9.81 18.38
N PRO B 402 42.17 9.89 18.53
CA PRO B 402 42.98 8.65 18.50
C PRO B 402 42.44 7.53 19.38
N GLU B 403 42.10 7.85 20.62
CA GLU B 403 41.62 6.82 21.54
C GLU B 403 40.31 6.24 21.06
N ALA B 404 39.47 7.07 20.43
CA ALA B 404 38.20 6.59 19.89
C ALA B 404 38.44 5.70 18.68
N GLN B 405 39.39 6.08 17.84
CA GLN B 405 39.68 5.27 16.65
C GLN B 405 40.20 3.89 17.04
N ALA B 406 40.99 3.82 18.11
CA ALA B 406 41.46 2.51 18.55
C ALA B 406 40.28 1.62 18.93
N GLY B 407 39.28 2.19 19.62
CA GLY B 407 38.06 1.45 19.92
C GLY B 407 37.36 0.95 18.67
N ILE B 408 37.16 1.84 17.69
CA ILE B 408 36.60 1.43 16.40
C ILE B 408 37.40 0.29 15.80
N ASP B 409 38.72 0.46 15.70
CA ASP B 409 39.55 -0.58 15.09
C ASP B 409 39.47 -1.91 15.85
N MET B 410 39.40 -1.84 17.18
CA MET B 410 39.20 -3.07 17.96
C MET B 410 37.88 -3.76 17.64
N TYR B 411 36.80 -3.00 17.44
CA TYR B 411 35.53 -3.66 17.10
C TYR B 411 35.57 -4.24 15.71
N VAL B 412 36.14 -3.51 14.76
CA VAL B 412 36.22 -4.05 13.40
C VAL B 412 37.06 -5.31 13.39
N LYS B 413 38.24 -5.23 13.99
CA LYS B 413 39.12 -6.38 14.11
C LYS B 413 38.43 -7.49 14.88
N GLY B 414 37.75 -7.16 15.98
CA GLY B 414 37.03 -8.17 16.75
C GLY B 414 35.87 -8.82 16.00
N LYS B 415 35.44 -8.22 14.89
CA LYS B 415 34.25 -8.64 14.15
C LYS B 415 33.05 -8.81 15.08
N TYR B 416 32.90 -7.90 16.05
CA TYR B 416 31.74 -7.94 16.95
C TYR B 416 30.47 -7.36 16.33
N VAL B 417 30.60 -6.52 15.31
CA VAL B 417 29.43 -5.82 14.75
C VAL B 417 28.54 -6.81 14.00
N MET B 418 27.31 -6.97 14.46
CA MET B 418 26.38 -7.89 13.81
C MET B 418 25.88 -7.29 12.49
N PRO B 419 25.89 -8.05 11.39
CA PRO B 419 25.33 -7.51 10.14
C PRO B 419 23.87 -7.16 10.34
N GLY B 420 23.49 -5.99 9.85
CA GLY B 420 22.16 -5.48 10.11
C GLY B 420 21.08 -6.04 9.19
N PHE B 421 19.85 -5.91 9.66
CA PHE B 421 18.70 -6.27 8.84
C PHE B 421 18.60 -5.26 7.69
N GLU B 422 18.58 -5.75 6.46
CA GLU B 422 18.48 -4.84 5.33
C GLU B 422 17.04 -4.58 4.92
N GLY B 423 16.11 -5.42 5.34
CA GLY B 423 14.72 -5.29 4.96
C GLY B 423 14.31 -6.36 3.98
N VAL B 424 13.01 -6.40 3.70
CA VAL B 424 12.46 -7.26 2.67
C VAL B 424 11.61 -6.39 1.75
N ASN B 425 11.44 -6.83 0.50
CA ASN B 425 10.67 -6.08 -0.49
C ASN B 425 9.27 -6.68 -0.60
N MET B 426 8.32 -6.01 0.02
CA MET B 426 6.96 -6.52 0.08
C MET B 426 6.13 -6.03 -1.11
N THR B 427 5.21 -6.87 -1.56
CA THR B 427 4.19 -6.45 -2.51
C THR B 427 3.26 -5.44 -1.85
N ARG B 428 2.35 -4.87 -2.64
CA ARG B 428 1.40 -3.92 -2.05
C ARG B 428 0.63 -4.58 -0.92
N GLU B 429 0.11 -5.78 -1.16
CA GLU B 429 -0.73 -6.43 -0.16
C GLU B 429 0.07 -6.74 1.10
N GLU B 430 1.29 -7.23 0.94
CA GLU B 430 2.10 -7.57 2.11
C GLU B 430 2.33 -6.34 2.97
N ARG B 431 2.77 -5.26 2.34
CA ARG B 431 3.01 -4.03 3.06
C ARG B 431 1.73 -3.46 3.65
N ALA B 432 0.58 -3.72 3.01
CA ALA B 432 -0.68 -3.23 3.54
C ALA B 432 -0.97 -3.85 4.90
N ILE B 433 -0.64 -5.14 5.07
CA ILE B 433 -0.76 -5.74 6.39
C ILE B 433 0.23 -5.10 7.34
N TYR B 434 1.44 -4.85 6.86
CA TYR B 434 2.48 -4.19 7.65
C TYR B 434 2.01 -2.84 8.14
N ASP B 435 1.51 -2.01 7.22
CA ASP B 435 1.06 -0.68 7.60
C ASP B 435 -0.12 -0.74 8.54
N LYS B 436 -0.99 -1.74 8.37
CA LYS B 436 -2.21 -1.79 9.16
C LYS B 436 -1.94 -2.06 10.62
N TYR B 437 -0.85 -2.81 10.93
CA TYR B 437 -0.64 -3.35 12.26
C TYR B 437 0.61 -2.86 12.96
N TRP B 438 1.72 -2.69 12.24
CA TRP B 438 3.03 -2.69 12.91
C TRP B 438 3.18 -1.57 13.92
N ALA B 439 2.86 -0.33 13.53
CA ALA B 439 3.06 0.80 14.45
C ALA B 439 2.29 0.60 15.75
N ASP B 440 1.05 0.09 15.69
CA ASP B 440 0.29 -0.20 16.91
C ASP B 440 0.96 -1.31 17.73
N VAL B 441 1.50 -2.33 17.08
CA VAL B 441 2.17 -3.40 17.80
C VAL B 441 3.41 -2.87 18.51
N ARG B 442 4.24 -2.12 17.79
CA ARG B 442 5.47 -1.61 18.37
C ARG B 442 5.18 -0.71 19.57
N THR B 443 4.14 0.11 19.49
CA THR B 443 3.76 0.94 20.64
C THR B 443 3.45 0.08 21.85
N TYR B 444 2.59 -0.92 21.65
CA TYR B 444 2.24 -1.83 22.73
C TYR B 444 3.46 -2.53 23.27
N MET B 445 4.32 -3.05 22.39
CA MET B 445 5.55 -3.69 22.83
C MET B 445 6.34 -2.77 23.72
N TYR B 446 6.46 -1.49 23.33
CA TYR B 446 7.29 -0.57 24.09
C TYR B 446 6.73 -0.35 25.49
N GLU B 447 5.40 -0.21 25.61
CA GLU B 447 4.80 0.00 26.91
C GLU B 447 4.96 -1.23 27.78
N MET B 448 4.79 -2.42 27.21
CA MET B 448 5.01 -3.63 27.98
C MET B 448 6.46 -3.75 28.43
N GLY B 449 7.40 -3.40 27.55
CA GLY B 449 8.81 -3.47 27.92
C GLY B 449 9.18 -2.47 28.99
N GLN B 450 8.69 -1.24 28.85
CA GLN B 450 8.87 -0.25 29.91
C GLN B 450 8.22 -0.71 31.22
N ALA B 451 7.06 -1.37 31.14
CA ALA B 451 6.44 -1.89 32.35
C ALA B 451 7.33 -2.92 33.03
N TRP B 452 7.93 -3.81 32.24
CA TRP B 452 8.78 -4.84 32.82
C TRP B 452 10.03 -4.22 33.41
N VAL B 453 10.66 -3.30 32.68
CA VAL B 453 11.92 -2.72 33.15
C VAL B 453 11.74 -2.07 34.53
N MET B 454 10.70 -1.27 34.68
CA MET B 454 10.45 -0.52 35.90
C MET B 454 9.83 -1.37 36.99
N GLY B 455 9.43 -2.60 36.67
CA GLY B 455 8.86 -3.46 37.68
C GLY B 455 7.39 -3.23 37.97
N THR B 456 6.69 -2.50 37.10
CA THR B 456 5.25 -2.38 37.23
C THR B 456 4.54 -3.67 36.83
N LYS B 457 5.18 -4.53 36.04
CA LYS B 457 4.62 -5.82 35.66
C LYS B 457 5.72 -6.86 35.73
N ASP B 458 5.31 -8.11 35.94
CA ASP B 458 6.23 -9.22 36.01
C ASP B 458 6.28 -9.90 34.65
N VAL B 459 7.50 -10.19 34.16
CA VAL B 459 7.63 -10.75 32.82
C VAL B 459 6.93 -12.10 32.73
N ASP B 460 7.23 -13.00 33.67
CA ASP B 460 6.64 -14.34 33.62
C ASP B 460 5.12 -14.27 33.67
N LYS B 461 4.57 -13.47 34.57
CA LYS B 461 3.14 -13.48 34.79
C LYS B 461 2.37 -12.92 33.60
N THR B 462 3.00 -12.10 32.76
CA THR B 462 2.31 -11.44 31.67
C THR B 462 2.72 -11.95 30.28
N TRP B 463 3.71 -12.86 30.20
CA TRP B 463 4.19 -13.27 28.89
C TRP B 463 3.08 -13.89 28.06
N ASP B 464 2.16 -14.61 28.71
CA ASP B 464 1.10 -15.31 27.97
C ASP B 464 0.08 -14.32 27.40
N GLU B 465 -0.42 -13.38 28.22
CA GLU B 465 -1.32 -12.42 27.59
C GLU B 465 -0.56 -11.50 26.66
N TYR B 466 0.75 -11.38 26.84
CA TYR B 466 1.57 -10.60 25.91
C TYR B 466 1.55 -11.24 24.53
N GLN B 467 1.84 -12.55 24.48
CA GLN B 467 1.77 -13.28 23.21
C GLN B 467 0.38 -13.20 22.61
N ARG B 468 -0.64 -13.36 23.46
CA ARG B 468 -2.02 -13.18 23.03
C ARG B 468 -2.21 -11.85 22.34
N GLN B 469 -1.78 -10.76 22.98
CA GLN B 469 -1.90 -9.43 22.41
C GLN B 469 -1.15 -9.31 21.08
N LEU B 470 0.07 -9.83 21.02
CA LEU B 470 0.80 -9.85 19.76
C LEU B 470 -0.05 -10.51 18.68
N LYS B 471 -0.68 -11.63 19.02
CA LYS B 471 -1.47 -12.33 18.01
C LYS B 471 -2.69 -11.51 17.60
N LEU B 472 -3.39 -10.93 18.58
CA LEU B 472 -4.62 -10.21 18.28
C LEU B 472 -4.36 -8.89 17.56
N ARG B 473 -3.21 -8.26 17.80
CA ARG B 473 -2.91 -7.01 17.11
C ARG B 473 -2.18 -7.23 15.78
N GLY B 474 -1.91 -8.47 15.41
CA GLY B 474 -1.51 -8.77 14.05
C GLY B 474 -0.03 -8.90 13.80
N LEU B 475 0.79 -9.08 14.84
CA LEU B 475 2.23 -9.20 14.65
C LEU B 475 2.57 -10.41 13.81
N TYR B 476 1.90 -11.54 14.07
CA TYR B 476 2.22 -12.75 13.35
C TYR B 476 1.65 -12.74 11.93
N GLN B 477 0.53 -12.05 11.71
CA GLN B 477 0.10 -11.80 10.35
C GLN B 477 1.16 -11.00 9.58
N VAL B 478 1.77 -10.02 10.25
CA VAL B 478 2.83 -9.21 9.64
C VAL B 478 4.07 -10.05 9.37
N LEU B 479 4.46 -10.90 10.33
CA LEU B 479 5.63 -11.74 10.13
C LEU B 479 5.40 -12.68 8.96
N GLN B 480 4.17 -13.20 8.86
CA GLN B 480 3.83 -14.08 7.76
C GLN B 480 4.07 -13.39 6.42
N MET B 481 3.66 -12.13 6.30
CA MET B 481 3.84 -11.43 5.04
C MET B 481 5.31 -11.09 4.79
N MET B 482 6.05 -10.73 5.84
CA MET B 482 7.47 -10.46 5.63
C MET B 482 8.20 -11.73 5.27
N GLN B 483 7.83 -12.84 5.91
CA GLN B 483 8.40 -14.13 5.54
C GLN B 483 8.12 -14.45 4.09
N GLN B 484 6.89 -14.19 3.63
CA GLN B 484 6.56 -14.42 2.23
C GLN B 484 7.47 -13.63 1.31
N ALA B 485 7.72 -12.37 1.63
CA ALA B 485 8.59 -11.56 0.79
C ALA B 485 10.04 -12.02 0.87
N TYR B 486 10.47 -12.43 2.06
CA TYR B 486 11.80 -12.98 2.21
C TYR B 486 11.96 -14.19 1.34
N ASP B 487 11.01 -15.12 1.43
CA ASP B 487 11.06 -16.33 0.64
C ASP B 487 11.19 -16.03 -0.85
N ARG B 488 10.57 -14.94 -1.31
CA ARG B 488 10.71 -14.55 -2.71
C ARG B 488 12.12 -14.17 -3.08
N GLN B 489 12.96 -13.82 -2.11
CA GLN B 489 14.34 -13.48 -2.40
C GLN B 489 15.37 -14.56 -2.06
N TYR B 490 15.07 -15.50 -1.17
CA TYR B 490 15.99 -16.63 -0.95
C TYR B 490 15.23 -17.94 -0.72
C1 BEM C . -10.45 -0.20 -6.57
C2 BEM C . -11.66 -0.01 -7.49
O2 BEM C . -11.23 -0.21 -8.84
C3 BEM C . -12.71 -1.05 -7.15
O3 BEM C . -13.85 -0.90 -7.99
C4 BEM C . -12.09 -2.44 -7.32
O4 BEM C . -13.09 -3.34 -6.84
C5 BEM C . -10.81 -2.56 -6.49
O5 BEM C . -9.91 -1.49 -6.81
C6 BEM C . -10.04 -3.85 -6.65
O6B BEM C . -8.92 -3.93 -6.09
O6A BEM C . -10.53 -4.82 -7.27
O1 BEM C . -9.45 0.78 -6.87
C1 BEM C . -13.45 -4.24 -7.91
C2 BEM C . -14.36 -5.30 -7.34
O2 BEM C . -15.50 -4.65 -6.77
C3 BEM C . -14.75 -6.25 -8.44
O3 BEM C . -15.66 -7.25 -7.94
C4 BEM C . -15.36 -5.50 -9.65
O4 BEM C . -15.45 -6.47 -10.69
C5 BEM C . -14.40 -4.36 -10.05
O5 BEM C . -14.16 -3.54 -8.92
C6 BEM C . -14.89 -3.44 -11.14
O6B BEM C . -14.20 -2.40 -11.30
O6A BEM C . -16.11 -3.40 -11.40
C1 BEM C . -16.83 -6.51 -11.17
C2 BEM C . -16.90 -7.43 -12.38
O2 BEM C . -16.58 -8.77 -11.95
C3 BEM C . -18.30 -7.45 -12.98
O3 BEM C . -18.29 -8.48 -13.99
C4 BEM C . -19.37 -7.73 -11.91
O4 BEM C . -20.63 -7.23 -12.36
C5 BEM C . -19.10 -7.00 -10.59
O5 BEM C . -17.73 -7.01 -10.19
C6 BEM C . -19.94 -7.60 -9.50
O6B BEM C . -21.18 -7.69 -9.64
O6A BEM C . -19.41 -7.93 -8.43
C1 BEM C . -21.52 -8.25 -12.79
C2 BEM C . -22.92 -7.65 -12.89
O2 BEM C . -22.89 -6.64 -13.91
C3 BEM C . -23.92 -8.69 -13.31
O3 BEM C . -25.24 -8.08 -13.43
C4 BEM C . -23.47 -9.24 -14.65
O4 BEM C . -24.24 -10.39 -15.00
C5 BEM C . -22.06 -9.78 -14.49
O5 BEM C . -21.18 -8.74 -14.08
C6 BEM C . -21.55 -10.32 -15.79
O6B BEM C . -21.00 -9.50 -16.55
O6A BEM C . -21.79 -11.51 -16.10
C1 BEM C . -25.22 -10.10 -15.98
C2 BEM C . -25.48 -11.41 -16.72
O2 BEM C . -25.67 -12.48 -15.79
C3 BEM C . -26.73 -11.27 -17.57
O3 BEM C . -27.00 -12.54 -18.15
C4 BEM C . -27.90 -10.92 -16.69
O4 BEM C . -29.15 -10.77 -17.40
C5 BEM C . -27.57 -9.57 -16.07
O5 BEM C . -26.38 -9.59 -15.30
C6 BEM C . -28.71 -9.20 -15.16
O6B BEM C . -28.41 -8.97 -13.95
O6A BEM C . -29.72 -8.74 -15.76
C1 BEM D . 6.95 6.75 22.39
C2 BEM D . 7.86 5.55 22.23
O2 BEM D . 7.24 4.58 21.37
C3 BEM D . 9.19 6.00 21.64
O3 BEM D . 9.99 4.85 21.35
C4 BEM D . 9.03 6.85 20.37
O4 BEM D . 10.18 7.68 20.34
C5 BEM D . 7.82 7.79 20.39
O5 BEM D . 6.68 7.25 21.08
C6 BEM D . 7.36 8.10 18.99
O6B BEM D . 7.55 9.23 18.47
O6A BEM D . 6.69 7.22 18.40
O1 BEM D . 5.73 6.41 23.09
C1 BEM D . 10.70 7.77 19.02
C2 BEM D . 11.21 9.18 18.95
O2 BEM D . 11.89 9.48 20.18
C3 BEM D . 12.19 9.38 17.81
O3 BEM D . 12.72 10.69 17.96
C4 BEM D . 13.32 8.39 17.87
O4 BEM D . 14.05 8.54 16.65
C5 BEM D . 12.80 6.96 17.95
O5 BEM D . 11.70 6.77 18.83
C6 BEM D . 13.89 6.08 18.53
O6B BEM D . 13.56 4.93 18.88
O6A BEM D . 14.75 6.66 19.21
C1 BEM D . 15.47 8.53 16.91
C2 BEM D . 16.14 8.50 15.56
O2 BEM D . 15.74 9.70 14.87
C3 BEM D . 17.66 8.38 15.75
O3 BEM D . 18.30 8.34 14.47
C4 BEM D . 18.17 9.52 16.63
O4 BEM D . 19.44 9.18 17.19
C5 BEM D . 17.32 9.62 17.88
O5 BEM D . 15.92 9.68 17.59
C6 BEM D . 17.78 10.83 18.64
O6B BEM D . 18.91 10.80 19.21
O6A BEM D . 16.91 11.66 18.92
C1 BEM D . 20.54 9.88 16.61
C2 BEM D . 21.75 9.55 17.48
O2 BEM D . 21.95 8.11 17.45
C3 BEM D . 22.97 10.28 16.92
O3 BEM D . 24.16 10.00 17.67
C4 BEM D . 23.17 9.91 15.46
O4 BEM D . 24.18 10.80 14.99
C5 BEM D . 21.90 10.16 14.65
O5 BEM D . 20.80 9.47 15.27
C6 BEM D . 22.05 9.67 13.23
O6B BEM D . 21.84 8.45 12.99
O6A BEM D . 22.46 10.46 12.34
C1 BEM D . 25.41 10.11 14.75
C2 BEM D . 26.05 10.76 13.56
O2 BEM D . 25.94 12.16 13.77
C3 BEM D . 27.53 10.39 13.46
O3 BEM D . 28.15 11.11 12.39
C4 BEM D . 28.23 10.73 14.76
O4 BEM D . 29.61 10.30 14.75
C5 BEM D . 27.55 9.96 15.87
O5 BEM D . 26.16 10.27 15.94
C6 BEM D . 28.14 10.38 17.17
O6B BEM D . 27.36 10.77 18.08
O6A BEM D . 29.32 10.02 17.35
CA CA E . -40.74 9.07 3.10
CA CA F . 4.59 1.21 -10.90
CA CA G . -22.88 -9.40 -28.25
CA CA H . 29.14 8.81 45.62
CA CA I . 12.68 8.09 21.86
CA CA J . 28.36 1.92 5.48
#